data_3EIU
#
_entry.id   3EIU
#
_cell.length_a   75.693
_cell.length_b   96.867
_cell.length_c   129.631
_cell.angle_alpha   90.000
_cell.angle_beta   90.000
_cell.angle_gamma   90.000
#
_symmetry.space_group_name_H-M   'P 21 21 21'
#
loop_
_entity.id
_entity.type
_entity.pdbx_description
1 polymer 'V-type ATP synthase beta chain'
2 non-polymer "ADENOSINE-5'-TRIPHOSPHATE"
3 non-polymer '4-(2-AMINOETHYL)BENZENESULFONYL FLUORIDE'
#
_entity_poly.entity_id   1
_entity_poly.type   'polypeptide(L)'
_entity_poly.pdbx_seq_one_letter_code
;MKHHHHHHPMVKEYKTITQIAGPLIFVEKTEPVGYNEIVNIKMGDGTVRRGQVLDSSADIVVVQVFEGTGGLDKDCGVIF
TGETLKLPASVDLLGRILSGSGEPRDGGPRIVPDQLLDINGAAMNPYARLPPKDFIQTGISTIDGTNTLVRGQKLPIFSA
SGLPHNEIALQIARQASVPGSESAFAVVFAAMGITNEEAQYFMSDFEKTGALERAVVFLNLADDPAVERIVTPRMALTAA
EYLAYEHGMHVLVILTDITNYAEALRQMGAARNEVPGRRGYPGYMYTDLATLYERAGIVKGAKGSVTQIPILSMPGDDIT
HPIPDLSGYITEGQIVVARELHRKGIYPPINVLPSLSRLMNSGIGAGKTREDHKAVSDQMYAGYAEGRDLRGLVAIVGKE
ALSERDTKFLEFADLFEDKFVRQGWNENRTIEDTLEIGWQILTHLPENQLGRIDNKYIQKYHPAHRKAK
;
_entity_poly.pdbx_strand_id   A,B
#
loop_
_chem_comp.id
_chem_comp.type
_chem_comp.name
_chem_comp.formula
AES non-polymer '4-(2-AMINOETHYL)BENZENESULFONYL FLUORIDE' 'C8 H10 F N O2 S'
ATP non-polymer ADENOSINE-5'-TRIPHOSPHATE 'C10 H16 N5 O13 P3'
#
# COMPACT_ATOMS: atom_id res chain seq x y z
N ALA A 21 -18.56 -18.59 20.14
CA ALA A 21 -18.60 -17.10 20.16
C ALA A 21 -17.66 -16.52 19.11
N GLY A 22 -18.10 -15.44 18.45
CA GLY A 22 -17.32 -14.80 17.41
C GLY A 22 -18.07 -14.62 16.09
N PRO A 23 -18.44 -15.74 15.43
CA PRO A 23 -19.18 -15.73 14.15
C PRO A 23 -20.56 -15.09 14.20
N LEU A 24 -21.21 -15.00 13.05
CA LEU A 24 -22.54 -14.44 12.91
C LEU A 24 -23.33 -15.21 11.86
N ILE A 25 -24.63 -15.39 12.10
CA ILE A 25 -25.56 -15.91 11.08
C ILE A 25 -26.81 -15.04 10.98
N PHE A 26 -27.20 -14.73 9.76
CA PHE A 26 -28.31 -13.81 9.50
C PHE A 26 -29.60 -14.61 9.30
N VAL A 27 -30.59 -14.34 10.16
CA VAL A 27 -31.81 -15.13 10.19
C VAL A 27 -33.09 -14.31 9.93
N GLU A 28 -34.07 -14.95 9.32
CA GLU A 28 -35.36 -14.33 9.01
C GLU A 28 -36.14 -13.98 10.29
N LYS A 29 -36.69 -12.78 10.34
CA LYS A 29 -37.47 -12.32 11.49
C LYS A 29 -38.93 -12.80 11.42
N THR A 30 -39.19 -13.90 12.12
CA THR A 30 -40.53 -14.50 12.21
C THR A 30 -41.30 -13.94 13.40
N GLU A 31 -40.58 -13.66 14.49
CA GLU A 31 -41.15 -13.14 15.73
C GLU A 31 -40.26 -12.05 16.33
N PRO A 32 -40.87 -11.07 17.02
CA PRO A 32 -40.09 -10.03 17.71
C PRO A 32 -39.24 -10.66 18.79
N VAL A 33 -37.94 -10.34 18.78
CA VAL A 33 -36.98 -10.93 19.70
C VAL A 33 -36.19 -9.85 20.46
N GLY A 34 -35.67 -10.23 21.64
CA GLY A 34 -34.94 -9.30 22.49
C GLY A 34 -33.44 -9.31 22.25
N TYR A 35 -32.68 -9.07 23.32
CA TYR A 35 -31.22 -9.11 23.27
C TYR A 35 -30.69 -10.27 24.10
N ASN A 36 -29.54 -10.80 23.68
CA ASN A 36 -28.88 -11.93 24.35
C ASN A 36 -29.88 -13.03 24.70
N GLU A 37 -30.47 -13.62 23.67
CA GLU A 37 -31.63 -14.50 23.82
C GLU A 37 -31.44 -15.84 23.09
N ILE A 38 -31.71 -16.92 23.81
CA ILE A 38 -31.56 -18.29 23.30
C ILE A 38 -32.65 -18.62 22.28
N VAL A 39 -32.23 -19.12 21.11
CA VAL A 39 -33.12 -19.34 19.97
C VAL A 39 -32.56 -20.40 18.99
N ASN A 40 -33.42 -20.91 18.10
CA ASN A 40 -33.03 -21.95 17.14
C ASN A 40 -33.15 -21.55 15.67
N ILE A 41 -32.30 -22.15 14.84
CA ILE A 41 -32.20 -21.83 13.40
C ILE A 41 -32.19 -23.07 12.49
N LYS A 42 -33.07 -23.07 11.47
CA LYS A 42 -33.12 -24.12 10.44
C LYS A 42 -32.22 -23.79 9.25
N MET A 43 -31.02 -24.36 9.26
CA MET A 43 -29.94 -24.01 8.32
C MET A 43 -30.24 -24.33 6.85
N GLY A 44 -29.32 -23.92 5.97
CA GLY A 44 -29.41 -24.17 4.53
C GLY A 44 -29.53 -25.65 4.18
N ASP A 45 -28.69 -26.47 4.80
CA ASP A 45 -28.81 -27.92 4.67
C ASP A 45 -29.62 -28.52 5.83
N GLY A 46 -29.17 -28.27 7.05
CA GLY A 46 -29.82 -28.82 8.24
C GLY A 46 -29.16 -28.45 9.55
N THR A 47 -27.87 -28.77 9.68
CA THR A 47 -27.11 -28.64 10.94
C THR A 47 -27.62 -27.54 11.87
N VAL A 48 -28.49 -27.93 12.81
CA VAL A 48 -29.20 -27.01 13.69
C VAL A 48 -28.23 -26.33 14.66
N ARG A 49 -28.40 -25.03 14.85
CA ARG A 49 -27.41 -24.23 15.57
C ARG A 49 -27.91 -23.53 16.85
N ARG A 50 -27.03 -23.54 17.85
CA ARG A 50 -27.29 -22.90 19.15
C ARG A 50 -26.69 -21.51 19.17
N GLY A 51 -27.56 -20.49 19.19
CA GLY A 51 -27.11 -19.10 19.11
C GLY A 51 -27.90 -18.10 19.92
N GLN A 52 -27.36 -16.88 19.99
CA GLN A 52 -27.98 -15.77 20.71
C GLN A 52 -28.01 -14.51 19.85
N VAL A 53 -29.13 -13.80 19.90
CA VAL A 53 -29.31 -12.56 19.12
C VAL A 53 -28.33 -11.46 19.53
N LEU A 54 -28.01 -10.58 18.58
CA LEU A 54 -27.13 -9.46 18.84
C LEU A 54 -27.85 -8.14 18.54
N ASP A 55 -28.45 -8.06 17.35
CA ASP A 55 -29.21 -6.88 16.92
C ASP A 55 -30.30 -7.30 15.93
N SER A 56 -31.30 -6.43 15.76
CA SER A 56 -32.45 -6.73 14.91
C SER A 56 -32.83 -5.54 14.03
N SER A 57 -33.58 -5.83 12.96
CA SER A 57 -34.15 -4.79 12.10
C SER A 57 -35.65 -5.03 11.95
N ALA A 58 -36.14 -4.96 10.71
CA ALA A 58 -37.55 -5.19 10.43
C ALA A 58 -37.82 -6.61 9.93
N ASP A 59 -36.84 -7.18 9.22
CA ASP A 59 -36.99 -8.51 8.61
C ASP A 59 -35.80 -9.41 8.90
N ILE A 60 -34.71 -8.83 9.37
CA ILE A 60 -33.45 -9.56 9.54
C ILE A 60 -33.01 -9.53 11.01
N VAL A 61 -32.43 -10.66 11.45
CA VAL A 61 -31.87 -10.77 12.80
C VAL A 61 -30.46 -11.36 12.75
N VAL A 62 -29.53 -10.76 13.50
CA VAL A 62 -28.17 -11.30 13.61
C VAL A 62 -28.00 -12.10 14.90
N VAL A 63 -27.41 -13.30 14.75
CA VAL A 63 -27.27 -14.27 15.83
C VAL A 63 -25.86 -14.85 15.88
N GLN A 64 -25.23 -14.76 17.04
CA GLN A 64 -23.92 -15.37 17.28
C GLN A 64 -24.06 -16.81 17.74
N VAL A 65 -23.71 -17.76 16.89
CA VAL A 65 -23.74 -19.18 17.23
C VAL A 65 -22.61 -19.54 18.23
N PHE A 66 -23.01 -20.08 19.38
CA PHE A 66 -22.10 -20.33 20.52
C PHE A 66 -21.47 -19.04 21.07
N PHE A 80 -38.95 -17.22 18.72
CA PHE A 80 -38.24 -18.47 19.00
C PHE A 80 -37.75 -19.13 17.70
N THR A 81 -37.78 -20.46 17.65
CA THR A 81 -37.24 -21.27 16.55
C THR A 81 -37.58 -20.68 15.17
N GLY A 82 -36.54 -20.47 14.37
CA GLY A 82 -36.69 -19.87 13.04
C GLY A 82 -35.69 -20.43 12.03
N GLU A 83 -35.39 -19.64 11.00
CA GLU A 83 -34.48 -20.06 9.94
C GLU A 83 -33.69 -18.89 9.32
N THR A 84 -32.54 -19.22 8.72
CA THR A 84 -31.64 -18.25 8.12
C THR A 84 -32.29 -17.43 7.02
N LEU A 85 -31.90 -16.17 6.93
CA LEU A 85 -32.24 -15.31 5.81
C LEU A 85 -31.60 -15.90 4.56
N LYS A 86 -32.37 -16.00 3.48
CA LYS A 86 -31.91 -16.66 2.26
C LYS A 86 -32.03 -15.78 1.01
N LEU A 87 -31.15 -16.01 0.03
CA LEU A 87 -31.19 -15.27 -1.23
C LEU A 87 -31.85 -16.08 -2.35
N PRO A 88 -32.83 -15.46 -3.05
CA PRO A 88 -33.46 -16.08 -4.21
C PRO A 88 -32.49 -16.21 -5.39
N ALA A 89 -31.76 -17.33 -5.42
CA ALA A 89 -30.75 -17.56 -6.44
C ALA A 89 -31.36 -18.02 -7.76
N SER A 90 -31.23 -17.19 -8.79
CA SER A 90 -31.71 -17.50 -10.14
C SER A 90 -30.90 -16.76 -11.18
N VAL A 91 -30.85 -17.29 -12.41
CA VAL A 91 -30.26 -16.57 -13.54
C VAL A 91 -31.05 -15.29 -13.85
N ASP A 92 -32.23 -15.17 -13.23
CA ASP A 92 -33.09 -13.99 -13.39
C ASP A 92 -32.69 -12.83 -12.46
N LEU A 93 -31.56 -12.99 -11.78
CA LEU A 93 -31.01 -11.92 -10.94
C LEU A 93 -30.36 -10.83 -11.80
N LEU A 94 -29.73 -11.25 -12.89
CA LEU A 94 -29.07 -10.34 -13.82
C LEU A 94 -30.11 -9.54 -14.59
N GLY A 95 -29.92 -8.22 -14.63
CA GLY A 95 -30.87 -7.31 -15.26
C GLY A 95 -31.75 -6.61 -14.24
N ARG A 96 -31.65 -7.05 -12.98
CA ARG A 96 -32.51 -6.53 -11.92
C ARG A 96 -31.71 -5.86 -10.80
N ILE A 97 -32.35 -4.88 -10.16
CA ILE A 97 -31.74 -4.07 -9.11
C ILE A 97 -32.49 -4.28 -7.79
N LEU A 98 -31.75 -4.50 -6.71
CA LEU A 98 -32.35 -4.78 -5.41
C LEU A 98 -31.62 -4.14 -4.23
N SER A 99 -32.25 -4.17 -3.05
CA SER A 99 -31.67 -3.61 -1.83
C SER A 99 -30.79 -4.65 -1.13
N GLY A 100 -30.11 -4.23 -0.06
CA GLY A 100 -29.20 -5.09 0.70
C GLY A 100 -29.80 -6.39 1.20
N SER A 101 -31.09 -6.37 1.48
CA SER A 101 -31.82 -7.56 1.93
C SER A 101 -32.36 -8.38 0.75
N GLY A 102 -32.16 -7.86 -0.46
CA GLY A 102 -32.63 -8.52 -1.67
C GLY A 102 -34.01 -8.10 -2.10
N GLU A 103 -34.54 -7.04 -1.48
CA GLU A 103 -35.84 -6.48 -1.85
C GLU A 103 -35.68 -5.67 -3.14
N PRO A 104 -36.67 -5.74 -4.05
CA PRO A 104 -36.59 -5.03 -5.34
C PRO A 104 -36.62 -3.51 -5.21
N ARG A 105 -35.90 -2.83 -6.10
CA ARG A 105 -35.85 -1.36 -6.13
C ARG A 105 -36.17 -0.79 -7.50
N ASP A 106 -36.04 -1.64 -8.52
CA ASP A 106 -36.23 -1.24 -9.93
C ASP A 106 -37.71 -1.23 -10.34
N GLY A 107 -38.60 -1.18 -9.35
CA GLY A 107 -40.04 -1.12 -9.59
C GLY A 107 -40.64 -2.44 -10.00
N GLY A 108 -39.79 -3.38 -10.42
CA GLY A 108 -40.22 -4.68 -10.94
C GLY A 108 -40.72 -5.64 -9.88
N PRO A 109 -40.92 -6.92 -10.26
CA PRO A 109 -41.53 -7.94 -9.41
C PRO A 109 -40.61 -8.41 -8.29
N ARG A 110 -40.94 -9.55 -7.67
CA ARG A 110 -40.05 -10.22 -6.73
C ARG A 110 -39.31 -11.33 -7.45
N ILE A 111 -38.02 -11.47 -7.14
CA ILE A 111 -37.15 -12.44 -7.81
C ILE A 111 -37.62 -13.87 -7.57
N VAL A 112 -37.96 -14.56 -8.65
CA VAL A 112 -38.42 -15.96 -8.59
C VAL A 112 -37.25 -16.92 -8.34
N PRO A 113 -37.21 -17.54 -7.14
CA PRO A 113 -36.05 -18.32 -6.71
C PRO A 113 -36.00 -19.72 -7.32
N ASP A 114 -34.96 -19.98 -8.11
CA ASP A 114 -34.69 -21.32 -8.65
C ASP A 114 -34.15 -22.18 -7.51
N GLN A 115 -33.30 -21.59 -6.69
CA GLN A 115 -32.84 -22.19 -5.44
C GLN A 115 -33.00 -21.22 -4.27
N LEU A 116 -32.82 -21.74 -3.06
CA LEU A 116 -32.97 -20.94 -1.84
C LEU A 116 -31.69 -21.02 -1.01
N LEU A 117 -30.63 -20.36 -1.49
CA LEU A 117 -29.29 -20.46 -0.91
C LEU A 117 -29.06 -19.55 0.31
N ASP A 118 -28.07 -19.91 1.12
CA ASP A 118 -27.76 -19.20 2.36
C ASP A 118 -26.74 -18.07 2.18
N ILE A 119 -26.95 -16.98 2.92
CA ILE A 119 -26.19 -15.73 2.76
C ILE A 119 -24.69 -15.79 2.99
N ASN A 120 -24.26 -16.44 4.07
CA ASN A 120 -22.87 -16.35 4.52
C ASN A 120 -21.92 -17.34 3.83
N GLY A 121 -22.28 -17.76 2.62
CA GLY A 121 -21.42 -18.60 1.78
C GLY A 121 -21.02 -19.93 2.38
N ALA A 122 -21.96 -20.56 3.08
CA ALA A 122 -21.74 -21.86 3.71
C ALA A 122 -22.61 -22.93 3.07
N ALA A 123 -22.98 -22.73 1.80
CA ALA A 123 -23.92 -23.61 1.12
C ALA A 123 -23.26 -24.81 0.44
N MET A 124 -22.40 -24.55 -0.54
CA MET A 124 -21.72 -25.62 -1.27
C MET A 124 -20.26 -25.76 -0.85
N ASN A 125 -19.69 -24.66 -0.40
CA ASN A 125 -18.23 -24.45 -0.37
C ASN A 125 -17.68 -24.70 -1.78
N PRO A 126 -17.92 -23.73 -2.69
CA PRO A 126 -17.74 -23.93 -4.11
C PRO A 126 -16.34 -23.60 -4.63
N TYR A 127 -15.44 -23.19 -3.74
CA TYR A 127 -14.08 -22.81 -4.17
C TYR A 127 -13.14 -24.00 -4.27
N ALA A 128 -12.12 -23.86 -5.12
CA ALA A 128 -11.14 -24.91 -5.34
C ALA A 128 -9.81 -24.56 -4.67
N ARG A 129 -8.91 -25.53 -4.63
CA ARG A 129 -7.52 -25.29 -4.24
C ARG A 129 -6.65 -25.05 -5.49
N LEU A 130 -7.12 -24.12 -6.32
CA LEU A 130 -6.40 -23.70 -7.52
C LEU A 130 -6.05 -22.22 -7.46
N PRO A 131 -4.81 -21.87 -7.83
CA PRO A 131 -4.37 -20.48 -7.81
C PRO A 131 -5.04 -19.68 -8.93
N PRO A 132 -5.42 -18.43 -8.64
CA PRO A 132 -5.97 -17.56 -9.69
C PRO A 132 -5.02 -17.46 -10.88
N LYS A 133 -5.52 -17.75 -12.08
CA LYS A 133 -4.66 -17.88 -13.26
C LYS A 133 -5.03 -16.97 -14.45
N ASP A 134 -6.26 -17.08 -14.95
CA ASP A 134 -6.64 -16.41 -16.20
C ASP A 134 -6.79 -14.90 -16.05
N PHE A 135 -7.10 -14.23 -17.16
CA PHE A 135 -7.09 -12.76 -17.22
C PHE A 135 -8.49 -12.13 -17.38
N ILE A 136 -8.73 -11.06 -16.63
CA ILE A 136 -9.94 -10.24 -16.80
C ILE A 136 -9.58 -8.83 -17.28
N GLN A 137 -10.29 -8.35 -18.29
CA GLN A 137 -10.04 -7.04 -18.84
C GLN A 137 -10.90 -5.97 -18.16
N THR A 138 -10.23 -4.97 -17.60
CA THR A 138 -10.92 -3.87 -16.90
C THR A 138 -11.28 -2.72 -17.85
N GLY A 139 -10.53 -2.60 -18.93
CA GLY A 139 -10.70 -1.49 -19.86
C GLY A 139 -9.78 -0.33 -19.54
N ILE A 140 -9.41 -0.21 -18.27
CA ILE A 140 -8.47 0.83 -17.83
C ILE A 140 -7.06 0.27 -17.91
N SER A 141 -6.18 1.01 -18.60
CA SER A 141 -4.84 0.54 -18.92
C SER A 141 -3.89 0.58 -17.72
N THR A 142 -4.18 1.45 -16.76
CA THR A 142 -3.38 1.53 -15.52
C THR A 142 -3.50 0.21 -14.76
N ILE A 143 -4.69 -0.40 -14.81
CA ILE A 143 -4.91 -1.72 -14.25
C ILE A 143 -4.47 -2.80 -15.25
N ASP A 144 -5.11 -2.83 -16.42
CA ASP A 144 -4.85 -3.86 -17.45
C ASP A 144 -3.39 -3.99 -17.87
N GLY A 145 -2.68 -2.86 -17.90
CA GLY A 145 -1.29 -2.84 -18.32
C GLY A 145 -0.32 -3.20 -17.22
N THR A 146 -0.29 -2.38 -16.17
CA THR A 146 0.73 -2.46 -15.13
C THR A 146 0.33 -3.25 -13.89
N ASN A 147 -0.96 -3.28 -13.58
CA ASN A 147 -1.46 -4.02 -12.42
C ASN A 147 -2.62 -4.93 -12.81
N THR A 148 -2.38 -5.80 -13.78
CA THR A 148 -3.39 -6.67 -14.38
C THR A 148 -4.26 -7.40 -13.37
N LEU A 149 -5.56 -7.45 -13.63
CA LEU A 149 -6.49 -8.18 -12.78
C LEU A 149 -6.66 -9.60 -13.28
N VAL A 150 -6.62 -10.55 -12.36
CA VAL A 150 -6.61 -11.97 -12.68
C VAL A 150 -7.83 -12.69 -12.12
N ARG A 151 -8.39 -13.62 -12.89
CA ARG A 151 -9.62 -14.33 -12.53
C ARG A 151 -9.52 -15.00 -11.15
N GLY A 152 -10.18 -14.39 -10.17
CA GLY A 152 -10.25 -14.91 -8.81
C GLY A 152 -9.47 -14.10 -7.79
N GLN A 153 -9.14 -12.86 -8.15
CA GLN A 153 -8.23 -12.02 -7.35
C GLN A 153 -8.95 -11.08 -6.39
N LYS A 154 -8.26 -10.75 -5.30
CA LYS A 154 -8.70 -9.74 -4.34
C LYS A 154 -7.88 -8.47 -4.55
N LEU A 155 -8.30 -7.66 -5.50
CA LEU A 155 -7.60 -6.42 -5.83
C LEU A 155 -8.45 -5.21 -5.42
N PRO A 156 -8.15 -4.64 -4.25
CA PRO A 156 -8.90 -3.50 -3.73
C PRO A 156 -8.42 -2.18 -4.30
N ILE A 157 -9.33 -1.22 -4.40
CA ILE A 157 -8.94 0.13 -4.75
C ILE A 157 -8.71 0.89 -3.45
N PHE A 158 -7.51 1.43 -3.33
CA PHE A 158 -7.13 2.24 -2.18
C PHE A 158 -7.35 3.70 -2.52
N SER A 159 -8.21 4.37 -1.76
CA SER A 159 -8.63 5.74 -2.09
C SER A 159 -8.91 6.59 -0.83
N ALA A 160 -9.56 7.73 -1.04
CA ALA A 160 -9.94 8.66 0.03
C ALA A 160 -11.18 9.46 -0.37
N SER A 161 -11.70 10.29 0.54
CA SER A 161 -12.90 11.09 0.26
C SER A 161 -12.61 12.19 -0.74
N GLY A 162 -13.63 12.57 -1.50
CA GLY A 162 -13.48 13.58 -2.56
C GLY A 162 -12.66 13.09 -3.72
N LEU A 163 -12.59 11.76 -3.88
CA LEU A 163 -11.87 11.13 -4.97
C LEU A 163 -12.84 10.33 -5.84
N PRO A 164 -12.53 10.20 -7.14
CA PRO A 164 -13.46 9.59 -8.10
C PRO A 164 -13.47 8.05 -8.13
N HIS A 165 -13.42 7.41 -6.96
CA HIS A 165 -13.33 5.96 -6.89
C HIS A 165 -14.60 5.25 -7.37
N ASN A 166 -15.74 5.73 -6.90
CA ASN A 166 -17.05 5.21 -7.36
C ASN A 166 -17.17 5.25 -8.87
N GLU A 167 -16.74 6.35 -9.48
CA GLU A 167 -16.81 6.50 -10.94
C GLU A 167 -15.78 5.64 -11.67
N ILE A 168 -14.76 5.17 -10.95
CA ILE A 168 -13.85 4.17 -11.51
C ILE A 168 -14.53 2.80 -11.48
N ALA A 169 -15.16 2.49 -10.35
CA ALA A 169 -15.93 1.25 -10.19
C ALA A 169 -17.06 1.17 -11.21
N LEU A 170 -17.77 2.29 -11.39
CA LEU A 170 -18.78 2.40 -12.45
C LEU A 170 -18.21 2.03 -13.81
N GLN A 171 -17.04 2.59 -14.13
CA GLN A 171 -16.40 2.35 -15.40
C GLN A 171 -15.99 0.88 -15.58
N ILE A 172 -15.56 0.25 -14.50
CA ILE A 172 -15.20 -1.17 -14.53
C ILE A 172 -16.41 -2.04 -14.83
N ALA A 173 -17.52 -1.76 -14.14
CA ALA A 173 -18.73 -2.57 -14.25
C ALA A 173 -19.25 -2.67 -15.68
N ARG A 174 -19.23 -1.55 -16.40
CA ARG A 174 -19.76 -1.50 -17.75
C ARG A 174 -18.74 -1.85 -18.83
N GLN A 175 -17.45 -1.83 -18.48
CA GLN A 175 -16.39 -2.09 -19.45
C GLN A 175 -15.74 -3.46 -19.31
N ALA A 176 -16.04 -4.18 -18.23
CA ALA A 176 -15.35 -5.43 -17.94
C ALA A 176 -15.80 -6.63 -18.78
N SER A 177 -14.84 -7.42 -19.22
CA SER A 177 -15.09 -8.62 -20.02
C SER A 177 -13.90 -9.59 -19.93
N VAL A 178 -14.11 -10.81 -20.42
CA VAL A 178 -13.09 -11.86 -20.35
C VAL A 178 -12.72 -12.42 -21.74
N PRO A 179 -11.85 -11.71 -22.48
CA PRO A 179 -11.49 -12.08 -23.86
C PRO A 179 -10.97 -13.51 -23.98
N GLY A 180 -11.67 -14.32 -24.75
CA GLY A 180 -11.26 -15.70 -25.03
C GLY A 180 -12.07 -16.76 -24.32
N SER A 181 -12.27 -16.59 -23.01
CA SER A 181 -12.94 -17.60 -22.17
C SER A 181 -14.27 -18.12 -22.71
N GLU A 182 -14.45 -19.43 -22.58
CA GLU A 182 -15.66 -20.13 -23.02
C GLU A 182 -16.88 -19.63 -22.26
N SER A 183 -16.65 -19.26 -21.00
CA SER A 183 -17.72 -18.97 -20.05
C SER A 183 -18.29 -17.56 -20.18
N ALA A 184 -19.57 -17.42 -19.83
CA ALA A 184 -20.25 -16.13 -19.80
C ALA A 184 -19.62 -15.25 -18.71
N PHE A 185 -19.86 -13.94 -18.79
CA PHE A 185 -19.29 -13.01 -17.81
C PHE A 185 -20.36 -12.17 -17.13
N ALA A 186 -20.30 -12.10 -15.81
CA ALA A 186 -21.27 -11.33 -15.05
C ALA A 186 -20.59 -10.35 -14.10
N VAL A 187 -21.33 -9.32 -13.67
CA VAL A 187 -20.83 -8.36 -12.69
C VAL A 187 -21.82 -8.20 -11.54
N VAL A 188 -21.33 -8.29 -10.30
CA VAL A 188 -22.16 -8.03 -9.13
C VAL A 188 -21.70 -6.73 -8.46
N PHE A 189 -22.55 -5.71 -8.55
CA PHE A 189 -22.22 -4.40 -8.03
C PHE A 189 -22.94 -4.16 -6.71
N ALA A 190 -22.16 -3.99 -5.65
CA ALA A 190 -22.73 -3.75 -4.32
C ALA A 190 -22.33 -2.38 -3.77
N ALA A 191 -23.35 -1.60 -3.44
CA ALA A 191 -23.16 -0.28 -2.85
C ALA A 191 -23.61 -0.28 -1.41
N MET A 192 -22.87 0.42 -0.56
CA MET A 192 -23.16 0.48 0.87
C MET A 192 -23.04 1.91 1.39
N GLY A 193 -24.08 2.34 2.11
CA GLY A 193 -24.11 3.67 2.71
C GLY A 193 -24.06 4.81 1.71
N ILE A 194 -24.70 4.62 0.56
CA ILE A 194 -24.71 5.62 -0.51
C ILE A 194 -25.96 6.52 -0.46
N THR A 195 -25.77 7.81 -0.71
CA THR A 195 -26.85 8.80 -0.64
C THR A 195 -27.79 8.71 -1.85
N ASN A 196 -29.02 9.21 -1.69
CA ASN A 196 -30.06 9.17 -2.72
C ASN A 196 -29.64 9.77 -4.07
N GLU A 197 -29.07 10.97 -4.03
CA GLU A 197 -28.66 11.71 -5.23
C GLU A 197 -27.63 10.94 -6.06
N GLU A 198 -26.59 10.42 -5.41
CA GLU A 198 -25.63 9.57 -6.11
C GLU A 198 -25.97 8.06 -5.99
N ALA A 199 -27.24 7.78 -5.74
CA ALA A 199 -27.78 6.42 -5.89
C ALA A 199 -28.51 6.38 -7.23
N GLN A 200 -29.10 7.51 -7.60
CA GLN A 200 -29.76 7.67 -8.89
C GLN A 200 -28.71 7.72 -10.01
N TYR A 201 -27.54 8.27 -9.67
CA TYR A 201 -26.35 8.27 -10.50
C TYR A 201 -26.11 6.88 -11.12
N PHE A 202 -26.00 5.88 -10.25
CA PHE A 202 -25.74 4.50 -10.65
C PHE A 202 -26.91 3.92 -11.45
N MET A 203 -28.12 4.11 -10.91
CA MET A 203 -29.37 3.67 -11.53
C MET A 203 -29.47 4.11 -12.98
N SER A 204 -29.15 5.39 -13.22
CA SER A 204 -29.18 5.95 -14.56
C SER A 204 -28.07 5.34 -15.41
N ASP A 205 -26.84 5.38 -14.88
CA ASP A 205 -25.65 4.92 -15.61
C ASP A 205 -25.77 3.49 -16.09
N PHE A 206 -26.15 2.59 -15.19
CA PHE A 206 -26.24 1.15 -15.49
C PHE A 206 -27.23 0.79 -16.61
N GLU A 207 -28.32 1.55 -16.69
CA GLU A 207 -29.38 1.32 -17.69
C GLU A 207 -29.07 2.01 -19.02
N LYS A 208 -28.59 3.24 -18.94
CA LYS A 208 -28.28 4.03 -20.15
C LYS A 208 -26.95 3.61 -20.82
N THR A 209 -26.34 2.55 -20.29
CA THR A 209 -25.15 1.95 -20.89
C THR A 209 -25.46 0.60 -21.51
N GLY A 210 -26.46 -0.08 -20.95
CA GLY A 210 -26.91 -1.39 -21.43
C GLY A 210 -26.25 -2.57 -20.75
N ALA A 211 -25.26 -2.29 -19.90
CA ALA A 211 -24.50 -3.33 -19.21
C ALA A 211 -25.20 -3.89 -17.97
N LEU A 212 -26.51 -3.64 -17.87
CA LEU A 212 -27.33 -4.20 -16.81
C LEU A 212 -27.60 -5.68 -17.07
N GLU A 213 -27.71 -6.05 -18.35
CA GLU A 213 -28.08 -7.41 -18.76
C GLU A 213 -26.98 -8.45 -18.52
N ARG A 214 -26.08 -8.14 -17.59
CA ARG A 214 -25.02 -9.04 -17.16
C ARG A 214 -24.64 -8.72 -15.72
N ALA A 215 -25.38 -7.81 -15.11
CA ALA A 215 -25.03 -7.25 -13.81
C ALA A 215 -26.16 -7.27 -12.78
N VAL A 216 -25.88 -7.87 -11.63
CA VAL A 216 -26.78 -7.79 -10.48
C VAL A 216 -26.29 -6.63 -9.60
N VAL A 217 -27.20 -5.70 -9.30
CA VAL A 217 -26.84 -4.50 -8.57
C VAL A 217 -27.55 -4.41 -7.24
N PHE A 218 -26.75 -4.42 -6.17
CA PHE A 218 -27.24 -4.21 -4.82
C PHE A 218 -26.94 -2.77 -4.40
N LEU A 219 -27.95 -2.08 -3.89
CA LEU A 219 -27.79 -0.73 -3.38
C LEU A 219 -28.18 -0.68 -1.92
N ASN A 220 -27.34 -0.05 -1.11
CA ASN A 220 -27.66 0.20 0.28
C ASN A 220 -27.48 1.66 0.63
N LEU A 221 -28.60 2.30 0.98
CA LEU A 221 -28.64 3.72 1.33
C LEU A 221 -28.01 3.99 2.69
N ALA A 222 -27.44 5.18 2.84
CA ALA A 222 -27.02 5.65 4.15
C ALA A 222 -28.23 5.63 5.07
N ASP A 223 -29.39 5.96 4.51
CA ASP A 223 -30.66 6.03 5.26
C ASP A 223 -31.24 4.64 5.54
N ASP A 224 -30.71 3.61 4.88
CA ASP A 224 -31.15 2.23 5.10
C ASP A 224 -30.66 1.67 6.45
N PRO A 225 -31.49 0.81 7.09
CA PRO A 225 -31.12 0.09 8.31
C PRO A 225 -29.68 -0.44 8.27
N ALA A 226 -28.98 -0.33 9.41
CA ALA A 226 -27.58 -0.69 9.51
C ALA A 226 -27.33 -2.18 9.31
N VAL A 227 -28.26 -3.00 9.78
CA VAL A 227 -28.17 -4.44 9.65
C VAL A 227 -28.31 -4.87 8.18
N GLU A 228 -29.07 -4.11 7.41
CA GLU A 228 -29.20 -4.34 5.97
C GLU A 228 -27.89 -4.05 5.22
N ARG A 229 -27.06 -3.18 5.78
CA ARG A 229 -25.76 -2.87 5.19
C ARG A 229 -24.80 -4.03 5.35
N ILE A 230 -24.74 -4.55 6.58
CA ILE A 230 -23.82 -5.65 6.91
C ILE A 230 -24.08 -6.89 6.04
N VAL A 231 -25.35 -7.16 5.76
CA VAL A 231 -25.73 -8.34 4.98
C VAL A 231 -25.54 -8.13 3.46
N THR A 232 -25.48 -6.87 3.03
CA THR A 232 -25.38 -6.52 1.61
C THR A 232 -24.29 -7.31 0.86
N PRO A 233 -23.01 -7.22 1.30
CA PRO A 233 -21.94 -7.94 0.59
C PRO A 233 -22.09 -9.47 0.63
N ARG A 234 -22.69 -9.99 1.70
CA ARG A 234 -22.95 -11.42 1.82
C ARG A 234 -24.01 -11.86 0.83
N MET A 235 -24.97 -10.98 0.55
CA MET A 235 -25.95 -11.17 -0.51
C MET A 235 -25.29 -11.01 -1.88
N ALA A 236 -24.31 -10.13 -1.96
CA ALA A 236 -23.60 -9.84 -3.20
C ALA A 236 -22.68 -10.99 -3.61
N LEU A 237 -21.86 -11.44 -2.66
CA LEU A 237 -20.91 -12.52 -2.91
C LEU A 237 -21.61 -13.84 -3.25
N THR A 238 -22.63 -14.19 -2.47
CA THR A 238 -23.40 -15.43 -2.68
C THR A 238 -24.06 -15.46 -4.06
N ALA A 239 -24.61 -14.31 -4.47
CA ALA A 239 -25.20 -14.17 -5.80
C ALA A 239 -24.17 -14.48 -6.88
N ALA A 240 -22.93 -14.03 -6.65
CA ALA A 240 -21.82 -14.32 -7.55
C ALA A 240 -21.36 -15.77 -7.43
N GLU A 241 -21.36 -16.29 -6.20
CA GLU A 241 -21.00 -17.68 -5.95
C GLU A 241 -21.94 -18.62 -6.68
N TYR A 242 -23.25 -18.35 -6.57
CA TYR A 242 -24.27 -19.09 -7.29
C TYR A 242 -24.02 -19.09 -8.81
N LEU A 243 -23.75 -17.91 -9.34
CA LEU A 243 -23.54 -17.74 -10.78
C LEU A 243 -22.27 -18.42 -11.28
N ALA A 244 -21.18 -18.24 -10.55
CA ALA A 244 -19.89 -18.78 -10.96
C ALA A 244 -19.82 -20.30 -10.88
N TYR A 245 -20.51 -20.88 -9.90
CA TYR A 245 -20.44 -22.32 -9.62
C TYR A 245 -21.53 -23.11 -10.34
N GLU A 246 -22.78 -22.68 -10.20
CA GLU A 246 -23.91 -23.43 -10.74
C GLU A 246 -24.29 -23.01 -12.17
N HIS A 247 -23.60 -22.01 -12.69
CA HIS A 247 -23.73 -21.62 -14.10
C HIS A 247 -22.36 -21.34 -14.74
N GLY A 248 -21.32 -21.87 -14.11
CA GLY A 248 -19.95 -21.89 -14.64
C GLY A 248 -19.43 -20.64 -15.33
N MET A 249 -19.80 -19.47 -14.83
CA MET A 249 -19.38 -18.21 -15.43
C MET A 249 -18.46 -17.39 -14.51
N HIS A 250 -17.51 -16.67 -15.10
CA HIS A 250 -16.62 -15.79 -14.33
C HIS A 250 -17.39 -14.56 -13.90
N VAL A 251 -17.41 -14.29 -12.59
CA VAL A 251 -18.17 -13.17 -12.05
C VAL A 251 -17.27 -12.19 -11.27
N LEU A 252 -17.39 -10.91 -11.59
CA LEU A 252 -16.60 -9.86 -10.95
C LEU A 252 -17.47 -9.05 -10.00
N VAL A 253 -17.08 -9.03 -8.72
CA VAL A 253 -17.86 -8.34 -7.70
C VAL A 253 -17.20 -7.02 -7.31
N ILE A 254 -18.00 -5.95 -7.31
CA ILE A 254 -17.51 -4.64 -6.90
C ILE A 254 -18.22 -4.14 -5.65
N LEU A 255 -17.49 -4.12 -4.54
CA LEU A 255 -18.01 -3.64 -3.28
C LEU A 255 -17.54 -2.20 -3.07
N THR A 256 -18.43 -1.23 -3.30
CA THR A 256 -18.07 0.17 -3.15
C THR A 256 -18.02 0.58 -1.68
N ASP A 257 -16.81 0.89 -1.23
CA ASP A 257 -16.50 1.35 0.12
C ASP A 257 -16.79 0.35 1.23
N ILE A 258 -15.76 -0.41 1.60
CA ILE A 258 -15.80 -1.31 2.74
C ILE A 258 -15.80 -0.52 4.04
N THR A 259 -15.19 0.67 3.99
CA THR A 259 -15.17 1.61 5.11
C THR A 259 -16.59 1.88 5.62
N ASN A 260 -17.52 2.05 4.69
CA ASN A 260 -18.93 2.26 5.04
C ASN A 260 -19.58 1.01 5.61
N TYR A 261 -19.17 -0.17 5.13
CA TYR A 261 -19.56 -1.44 5.72
C TYR A 261 -19.11 -1.46 7.18
N ALA A 262 -17.88 -0.99 7.40
CA ALA A 262 -17.28 -0.98 8.71
C ALA A 262 -18.00 -0.06 9.69
N GLU A 263 -18.35 1.15 9.26
CA GLU A 263 -18.97 2.14 10.16
C GLU A 263 -20.35 1.73 10.66
N ALA A 264 -20.98 0.78 9.96
CA ALA A 264 -22.24 0.22 10.40
C ALA A 264 -21.98 -0.88 11.44
N LEU A 265 -20.91 -1.63 11.22
CA LEU A 265 -20.46 -2.63 12.19
C LEU A 265 -19.94 -1.92 13.43
N ARG A 266 -19.21 -0.83 13.20
CA ARG A 266 -18.72 0.06 14.24
C ARG A 266 -19.82 0.45 15.25
N GLN A 267 -20.99 0.80 14.73
CA GLN A 267 -22.09 1.31 15.56
C GLN A 267 -22.99 0.21 16.13
N MET A 268 -22.71 -1.04 15.77
CA MET A 268 -23.59 -2.18 16.09
C MET A 268 -23.52 -2.64 17.56
N GLY A 269 -24.49 -2.20 18.35
CA GLY A 269 -24.59 -2.58 19.75
C GLY A 269 -25.88 -2.12 20.40
N PRO A 282 -16.62 -5.59 21.64
CA PRO A 282 -16.87 -6.75 20.80
C PRO A 282 -15.59 -7.45 20.35
N GLY A 283 -15.63 -8.78 20.24
CA GLY A 283 -14.46 -9.57 19.86
C GLY A 283 -14.61 -10.31 18.54
N TYR A 284 -14.98 -9.57 17.48
CA TYR A 284 -15.15 -10.12 16.14
C TYR A 284 -14.54 -9.19 15.09
N MET A 285 -14.00 -8.07 15.58
CA MET A 285 -13.61 -6.90 14.77
C MET A 285 -12.99 -7.18 13.39
N TYR A 286 -11.95 -8.02 13.36
CA TYR A 286 -11.18 -8.25 12.14
C TYR A 286 -11.47 -9.61 11.51
N THR A 287 -11.97 -10.54 12.32
CA THR A 287 -12.35 -11.87 11.85
C THR A 287 -13.61 -11.83 10.98
N ASP A 288 -14.44 -10.80 11.21
CA ASP A 288 -15.61 -10.57 10.37
C ASP A 288 -15.19 -10.13 8.98
N LEU A 289 -14.18 -9.27 8.90
CA LEU A 289 -13.59 -8.87 7.62
C LEU A 289 -13.11 -10.08 6.84
N ALA A 290 -12.52 -11.03 7.56
CA ALA A 290 -11.98 -12.25 6.96
C ALA A 290 -13.03 -13.02 6.17
N THR A 291 -14.23 -13.13 6.73
CA THR A 291 -15.33 -13.88 6.09
C THR A 291 -15.75 -13.24 4.76
N LEU A 292 -15.30 -12.01 4.52
CA LEU A 292 -15.60 -11.31 3.28
C LEU A 292 -14.54 -11.53 2.19
N TYR A 293 -13.27 -11.50 2.60
CA TYR A 293 -12.18 -11.72 1.63
C TYR A 293 -11.82 -13.20 1.45
N GLU A 294 -12.52 -14.07 2.17
CA GLU A 294 -12.34 -15.51 1.98
C GLU A 294 -12.98 -15.94 0.66
N ARG A 295 -14.11 -15.32 0.33
CA ARG A 295 -14.91 -15.70 -0.82
C ARG A 295 -14.34 -15.17 -2.15
N ALA A 296 -13.12 -15.59 -2.48
CA ALA A 296 -12.48 -15.17 -3.72
C ALA A 296 -11.59 -16.25 -4.29
N GLY A 297 -11.68 -16.45 -5.61
CA GLY A 297 -10.90 -17.47 -6.31
C GLY A 297 -11.68 -18.24 -7.37
N ILE A 298 -11.09 -19.33 -7.83
CA ILE A 298 -11.70 -20.17 -8.86
C ILE A 298 -12.58 -21.22 -8.22
N VAL A 299 -13.81 -21.35 -8.74
CA VAL A 299 -14.79 -22.31 -8.23
C VAL A 299 -14.42 -23.76 -8.56
N LYS A 300 -15.10 -24.71 -7.92
CA LYS A 300 -14.90 -26.14 -8.20
C LYS A 300 -15.33 -26.43 -9.63
N GLY A 301 -14.42 -27.04 -10.40
CA GLY A 301 -14.57 -27.17 -11.84
C GLY A 301 -14.15 -25.86 -12.49
N ALA A 302 -12.99 -25.89 -13.15
CA ALA A 302 -12.29 -24.70 -13.64
C ALA A 302 -13.10 -23.71 -14.51
N LYS A 303 -14.32 -24.09 -14.86
CA LYS A 303 -15.15 -23.28 -15.75
C LYS A 303 -15.50 -21.89 -15.20
N GLY A 304 -15.84 -21.80 -13.93
CA GLY A 304 -16.27 -20.53 -13.32
C GLY A 304 -15.27 -19.86 -12.39
N SER A 305 -15.60 -18.65 -11.92
CA SER A 305 -14.69 -17.84 -11.09
C SER A 305 -15.40 -16.75 -10.26
N VAL A 306 -14.81 -16.43 -9.11
CA VAL A 306 -15.26 -15.32 -8.26
C VAL A 306 -14.12 -14.33 -8.01
N THR A 307 -14.28 -13.10 -8.51
CA THR A 307 -13.25 -12.07 -8.39
C THR A 307 -13.82 -10.82 -7.69
N GLN A 308 -12.98 -10.15 -6.92
CA GLN A 308 -13.39 -9.01 -6.10
C GLN A 308 -12.61 -7.73 -6.36
N ILE A 309 -13.32 -6.61 -6.39
CA ILE A 309 -12.69 -5.30 -6.30
C ILE A 309 -13.38 -4.48 -5.19
N PRO A 310 -12.97 -4.70 -3.94
CA PRO A 310 -13.53 -3.93 -2.83
C PRO A 310 -12.88 -2.56 -2.72
N ILE A 311 -13.68 -1.52 -2.58
CA ILE A 311 -13.15 -0.17 -2.45
C ILE A 311 -12.89 0.13 -0.99
N LEU A 312 -11.65 0.52 -0.69
CA LEU A 312 -11.31 0.97 0.64
C LEU A 312 -10.87 2.42 0.54
N SER A 313 -11.56 3.29 1.26
CA SER A 313 -11.21 4.72 1.26
C SER A 313 -11.17 5.30 2.66
N MET A 314 -10.22 6.21 2.89
CA MET A 314 -10.08 6.91 4.16
C MET A 314 -11.27 7.86 4.41
N PRO A 315 -11.80 7.85 5.65
CA PRO A 315 -13.09 8.46 5.97
C PRO A 315 -13.10 10.00 6.00
N GLY A 316 -14.30 10.56 6.16
CA GLY A 316 -14.47 11.99 6.39
C GLY A 316 -14.02 12.39 7.80
N ASP A 317 -14.42 11.58 8.78
CA ASP A 317 -13.99 11.77 10.18
C ASP A 317 -13.40 10.47 10.76
N ASP A 318 -12.28 10.57 11.47
CA ASP A 318 -11.57 9.40 12.01
C ASP A 318 -11.52 9.33 13.54
N ILE A 319 -11.47 10.49 14.20
CA ILE A 319 -11.40 10.52 15.67
C ILE A 319 -12.72 10.09 16.33
N THR A 320 -13.83 10.73 15.94
CA THR A 320 -15.15 10.39 16.47
C THR A 320 -15.64 9.01 16.00
N HIS A 321 -15.36 8.67 14.74
CA HIS A 321 -15.64 7.34 14.21
C HIS A 321 -14.32 6.67 13.80
N PRO A 322 -13.66 5.95 14.75
CA PRO A 322 -12.40 5.27 14.46
C PRO A 322 -12.51 4.21 13.36
N ILE A 323 -11.72 4.37 12.30
CA ILE A 323 -11.67 3.39 11.20
C ILE A 323 -10.61 2.33 11.41
N PRO A 324 -11.04 1.04 11.41
CA PRO A 324 -10.08 -0.06 11.54
C PRO A 324 -9.11 -0.11 10.36
N ASP A 325 -7.94 -0.71 10.56
CA ASP A 325 -7.07 -1.01 9.44
C ASP A 325 -7.67 -2.18 8.65
N LEU A 326 -7.91 -1.91 7.37
CA LEU A 326 -8.52 -2.88 6.48
C LEU A 326 -7.43 -3.66 5.76
N SER A 327 -6.26 -3.70 6.39
CA SER A 327 -5.06 -4.32 5.84
C SER A 327 -5.20 -5.82 5.58
N GLY A 328 -6.17 -6.45 6.23
CA GLY A 328 -6.47 -7.85 6.00
C GLY A 328 -6.94 -8.12 4.58
N TYR A 329 -7.58 -7.11 3.98
CA TYR A 329 -8.09 -7.21 2.62
C TYR A 329 -6.99 -7.04 1.57
N ILE A 330 -5.92 -6.32 1.94
CA ILE A 330 -4.78 -6.13 1.04
C ILE A 330 -3.79 -7.28 1.15
N THR A 331 -3.94 -8.26 0.28
CA THR A 331 -3.04 -9.41 0.27
C THR A 331 -2.56 -9.72 -1.15
N GLU A 332 -3.44 -9.48 -2.13
CA GLU A 332 -3.10 -9.74 -3.53
C GLU A 332 -2.81 -8.46 -4.33
N GLY A 333 -2.53 -7.39 -3.59
CA GLY A 333 -2.18 -6.10 -4.19
C GLY A 333 -3.17 -5.01 -3.83
N GLN A 334 -3.09 -3.89 -4.54
CA GLN A 334 -4.03 -2.77 -4.42
C GLN A 334 -3.91 -1.78 -5.59
N ILE A 335 -4.98 -1.04 -5.86
CA ILE A 335 -4.98 0.01 -6.87
C ILE A 335 -5.09 1.38 -6.20
N VAL A 336 -3.97 2.10 -6.17
CA VAL A 336 -3.89 3.37 -5.47
C VAL A 336 -4.41 4.51 -6.35
N VAL A 337 -5.33 5.29 -5.81
CA VAL A 337 -5.81 6.49 -6.50
C VAL A 337 -5.14 7.69 -5.85
N ALA A 338 -4.51 8.53 -6.67
CA ALA A 338 -3.68 9.63 -6.17
C ALA A 338 -4.32 11.01 -6.37
N ARG A 339 -4.43 11.76 -5.28
CA ARG A 339 -4.98 13.12 -5.31
C ARG A 339 -4.14 14.05 -6.19
N GLU A 340 -2.84 13.75 -6.27
CA GLU A 340 -1.89 14.51 -7.07
C GLU A 340 -2.24 14.53 -8.55
N LEU A 341 -2.59 13.36 -9.09
CA LEU A 341 -3.01 13.25 -10.48
C LEU A 341 -4.41 13.84 -10.66
N HIS A 342 -5.23 13.73 -9.61
CA HIS A 342 -6.57 14.29 -9.60
C HIS A 342 -6.51 15.81 -9.66
N ARG A 343 -5.57 16.41 -8.95
CA ARG A 343 -5.47 17.87 -8.90
C ARG A 343 -4.89 18.50 -10.18
N LYS A 344 -4.16 17.70 -10.96
CA LYS A 344 -3.71 18.18 -12.27
C LYS A 344 -4.67 17.75 -13.40
N GLY A 345 -5.85 17.31 -13.00
CA GLY A 345 -6.96 17.04 -13.94
C GLY A 345 -6.92 15.73 -14.68
N ILE A 346 -6.31 14.72 -14.08
CA ILE A 346 -6.19 13.40 -14.71
C ILE A 346 -7.22 12.41 -14.16
N TYR A 347 -7.99 11.83 -15.07
CA TYR A 347 -8.82 10.68 -14.76
C TYR A 347 -8.52 9.58 -15.76
N PRO A 348 -8.38 8.33 -15.28
CA PRO A 348 -8.38 7.93 -13.86
C PRO A 348 -7.05 8.19 -13.18
N PRO A 349 -7.08 8.83 -11.99
CA PRO A 349 -5.89 9.24 -11.26
C PRO A 349 -5.26 8.09 -10.46
N ILE A 350 -4.92 7.01 -11.15
CA ILE A 350 -4.32 5.85 -10.50
C ILE A 350 -2.81 5.95 -10.58
N ASN A 351 -2.17 6.08 -9.41
CA ASN A 351 -0.72 6.02 -9.33
C ASN A 351 -0.29 4.57 -9.43
N VAL A 352 0.44 4.24 -10.50
CA VAL A 352 0.82 2.86 -10.77
C VAL A 352 1.90 2.32 -9.83
N LEU A 353 2.75 3.22 -9.35
CA LEU A 353 3.92 2.86 -8.54
C LEU A 353 3.55 2.15 -7.23
N PRO A 354 2.73 2.80 -6.36
CA PRO A 354 2.36 2.11 -5.13
C PRO A 354 1.39 0.95 -5.40
N SER A 355 0.84 0.92 -6.61
CA SER A 355 -0.10 -0.10 -7.00
C SER A 355 0.64 -1.33 -7.52
N LEU A 356 0.02 -2.50 -7.30
CA LEU A 356 0.47 -3.76 -7.91
C LEU A 356 -0.59 -4.84 -7.88
N SER A 357 -0.31 -5.92 -8.60
CA SER A 357 -1.15 -7.11 -8.60
C SER A 357 -0.27 -8.32 -8.33
N ARG A 358 -0.41 -8.90 -7.13
CA ARG A 358 0.43 -10.02 -6.70
C ARG A 358 0.35 -11.22 -7.65
N LEU A 359 -0.67 -11.26 -8.50
CA LEU A 359 -0.93 -12.41 -9.37
C LEU A 359 -0.93 -12.06 -10.85
N MET A 360 -0.38 -10.89 -11.19
CA MET A 360 -0.33 -10.40 -12.57
C MET A 360 0.35 -11.39 -13.52
N ASN A 361 1.52 -11.88 -13.12
CA ASN A 361 2.33 -12.81 -13.92
C ASN A 361 1.61 -14.09 -14.36
N SER A 362 0.44 -14.34 -13.76
CA SER A 362 -0.38 -15.49 -14.11
C SER A 362 -1.29 -15.17 -15.29
N GLY A 363 -1.75 -13.92 -15.39
CA GLY A 363 -2.72 -13.53 -16.40
C GLY A 363 -2.23 -12.63 -17.52
N ILE A 364 -0.94 -12.75 -17.86
CA ILE A 364 -0.36 -11.91 -18.91
C ILE A 364 0.47 -12.68 -19.93
N GLY A 365 0.88 -11.99 -20.99
CA GLY A 365 1.79 -12.50 -21.98
C GLY A 365 1.15 -13.39 -23.03
N ALA A 366 1.94 -14.32 -23.56
CA ALA A 366 1.54 -15.22 -24.63
C ALA A 366 0.26 -15.99 -24.31
N GLY A 367 -0.68 -15.95 -25.25
CA GLY A 367 -1.95 -16.69 -25.14
C GLY A 367 -3.04 -15.97 -24.36
N LYS A 368 -2.65 -15.43 -23.21
CA LYS A 368 -3.55 -14.69 -22.33
C LYS A 368 -3.78 -13.27 -22.87
N THR A 369 -2.69 -12.59 -23.22
CA THR A 369 -2.72 -11.25 -23.82
C THR A 369 -1.80 -11.20 -25.05
N ARG A 370 -0.69 -10.46 -24.91
CA ARG A 370 0.33 -10.38 -25.95
C ARG A 370 1.68 -10.56 -25.26
N GLU A 371 2.53 -11.41 -25.83
CA GLU A 371 3.77 -11.85 -25.16
C GLU A 371 4.67 -10.73 -24.62
N ASP A 372 4.61 -9.56 -25.27
CA ASP A 372 5.43 -8.41 -24.84
C ASP A 372 4.80 -7.59 -23.71
N HIS A 373 3.73 -8.13 -23.12
CA HIS A 373 3.03 -7.47 -22.01
C HIS A 373 4.01 -7.10 -20.89
N LYS A 374 4.54 -8.12 -20.23
CA LYS A 374 5.47 -7.93 -19.12
C LYS A 374 6.66 -7.07 -19.55
N ALA A 375 7.18 -7.36 -20.74
CA ALA A 375 8.27 -6.60 -21.33
C ALA A 375 7.98 -5.09 -21.34
N VAL A 376 6.75 -4.72 -21.75
CA VAL A 376 6.32 -3.32 -21.76
C VAL A 376 6.08 -2.82 -20.34
N SER A 377 5.26 -3.55 -19.58
CA SER A 377 4.95 -3.18 -18.21
C SER A 377 6.19 -2.80 -17.42
N ASP A 378 7.14 -3.74 -17.34
CA ASP A 378 8.40 -3.51 -16.64
C ASP A 378 9.11 -2.24 -17.10
N GLN A 379 9.09 -2.01 -18.41
CA GLN A 379 9.74 -0.85 -19.01
C GLN A 379 8.99 0.45 -18.73
N MET A 380 7.66 0.39 -18.84
CA MET A 380 6.81 1.53 -18.54
C MET A 380 6.90 1.91 -17.08
N TYR A 381 6.89 0.89 -16.21
CA TYR A 381 6.99 1.12 -14.77
C TYR A 381 8.31 1.78 -14.43
N ALA A 382 9.41 1.07 -14.67
CA ALA A 382 10.76 1.57 -14.36
C ALA A 382 11.04 2.91 -15.04
N GLY A 383 10.45 3.10 -16.22
CA GLY A 383 10.58 4.35 -16.97
C GLY A 383 9.90 5.51 -16.26
N TYR A 384 8.61 5.36 -15.99
CA TYR A 384 7.85 6.38 -15.29
C TYR A 384 8.40 6.61 -13.89
N ALA A 385 8.87 5.55 -13.25
CA ALA A 385 9.42 5.61 -11.90
C ALA A 385 10.57 6.63 -11.80
N GLU A 386 11.52 6.52 -12.73
CA GLU A 386 12.68 7.40 -12.72
C GLU A 386 12.28 8.82 -13.10
N GLY A 387 11.62 8.97 -14.24
CA GLY A 387 11.15 10.27 -14.71
C GLY A 387 10.52 11.10 -13.60
N ARG A 388 9.76 10.41 -12.75
CA ARG A 388 9.07 11.03 -11.64
C ARG A 388 10.04 11.51 -10.55
N ASP A 389 11.05 10.71 -10.27
CA ASP A 389 12.07 11.07 -9.27
C ASP A 389 12.96 12.20 -9.79
N LEU A 390 13.15 12.24 -11.10
CA LEU A 390 13.92 13.31 -11.73
C LEU A 390 13.17 14.62 -11.65
N ARG A 391 11.85 14.55 -11.48
CA ARG A 391 11.02 15.74 -11.27
C ARG A 391 11.42 16.50 -10.02
N GLY A 392 12.08 15.79 -9.10
CA GLY A 392 12.69 16.42 -7.94
C GLY A 392 14.01 17.08 -8.30
N LEU A 393 14.80 16.36 -9.11
CA LEU A 393 16.11 16.82 -9.55
C LEU A 393 16.03 18.13 -10.35
N VAL A 394 14.91 18.34 -11.04
CA VAL A 394 14.70 19.58 -11.82
C VAL A 394 14.49 20.79 -10.91
N ALA A 395 13.79 20.56 -9.80
CA ALA A 395 13.51 21.60 -8.82
C ALA A 395 14.77 22.02 -8.09
N ILE A 396 15.70 21.09 -7.92
CA ILE A 396 16.97 21.36 -7.26
C ILE A 396 17.91 22.16 -8.18
N VAL A 397 18.29 21.57 -9.31
CA VAL A 397 19.40 22.08 -10.12
C VAL A 397 19.01 23.02 -11.27
N GLY A 398 17.76 22.94 -11.71
CA GLY A 398 17.30 23.76 -12.82
C GLY A 398 16.97 22.95 -14.05
N LYS A 399 16.08 23.49 -14.89
CA LYS A 399 15.64 22.86 -16.13
C LYS A 399 16.81 22.72 -17.11
N GLU A 400 17.75 23.66 -17.04
CA GLU A 400 18.87 23.74 -17.98
C GLU A 400 20.15 23.07 -17.48
N ALA A 401 20.08 22.40 -16.34
CA ALA A 401 21.23 21.74 -15.75
C ALA A 401 21.13 20.22 -15.81
N LEU A 402 20.00 19.72 -16.33
CA LEU A 402 19.76 18.29 -16.44
C LEU A 402 20.49 17.66 -17.61
N SER A 403 20.81 16.37 -17.47
CA SER A 403 21.30 15.56 -18.58
C SER A 403 20.19 15.36 -19.61
N GLU A 404 20.59 15.31 -20.89
CA GLU A 404 19.68 15.04 -21.99
C GLU A 404 18.96 13.71 -21.82
N ARG A 405 19.66 12.75 -21.20
CA ARG A 405 19.11 11.46 -20.81
C ARG A 405 17.96 11.65 -19.83
N ASP A 406 18.21 12.45 -18.79
CA ASP A 406 17.26 12.65 -17.70
C ASP A 406 16.04 13.45 -18.15
N THR A 407 16.24 14.35 -19.12
CA THR A 407 15.17 15.16 -19.67
C THR A 407 14.16 14.36 -20.49
N LYS A 408 14.64 13.38 -21.25
CA LYS A 408 13.75 12.49 -22.00
C LYS A 408 13.02 11.50 -21.09
N PHE A 409 13.63 11.23 -19.93
CA PHE A 409 12.97 10.46 -18.87
C PHE A 409 11.93 11.28 -18.14
N LEU A 410 12.28 12.53 -17.83
CA LEU A 410 11.37 13.50 -17.23
C LEU A 410 10.10 13.64 -18.07
N GLU A 411 10.28 13.96 -19.36
CA GLU A 411 9.17 14.21 -20.28
C GLU A 411 8.30 12.97 -20.47
N PHE A 412 8.91 11.81 -20.31
CA PHE A 412 8.20 10.53 -20.38
C PHE A 412 7.13 10.44 -19.29
N ALA A 413 7.48 10.90 -18.09
CA ALA A 413 6.56 10.92 -16.96
C ALA A 413 5.35 11.79 -17.23
N ASP A 414 5.57 12.89 -17.96
CA ASP A 414 4.47 13.74 -18.41
C ASP A 414 3.58 12.97 -19.38
N LEU A 415 4.20 12.30 -20.35
CA LEU A 415 3.50 11.52 -21.38
C LEU A 415 2.71 10.36 -20.81
N PHE A 416 3.31 9.67 -19.84
CA PHE A 416 2.68 8.54 -19.18
C PHE A 416 1.38 8.97 -18.51
N GLU A 417 1.44 10.08 -17.79
CA GLU A 417 0.27 10.63 -17.11
C GLU A 417 -0.71 11.18 -18.13
N ASP A 418 -0.18 11.92 -19.10
CA ASP A 418 -1.00 12.65 -20.08
C ASP A 418 -1.69 11.74 -21.10
N LYS A 419 -0.96 10.77 -21.62
CA LYS A 419 -1.51 9.95 -22.70
C LYS A 419 -1.89 8.51 -22.31
N PHE A 420 -1.17 7.94 -21.36
CA PHE A 420 -1.45 6.56 -20.94
C PHE A 420 -2.45 6.51 -19.79
N VAL A 421 -2.13 7.19 -18.70
CA VAL A 421 -2.96 7.18 -17.49
C VAL A 421 -4.34 7.79 -17.78
N ARG A 422 -4.37 8.93 -18.43
CA ARG A 422 -5.62 9.57 -18.82
C ARG A 422 -6.36 8.84 -19.93
N GLN A 423 -7.53 8.32 -19.59
CA GLN A 423 -8.49 7.85 -20.59
C GLN A 423 -9.90 8.33 -20.21
N GLY A 424 -10.76 8.46 -21.21
CA GLY A 424 -12.13 8.91 -20.99
C GLY A 424 -12.93 8.00 -20.09
N TRP A 425 -14.10 8.47 -19.67
CA TRP A 425 -14.96 7.68 -18.83
C TRP A 425 -15.75 6.66 -19.65
N ASN A 426 -15.88 6.91 -20.95
CA ASN A 426 -16.42 5.91 -21.87
C ASN A 426 -15.38 5.41 -22.88
N GLU A 427 -14.14 5.29 -22.41
CA GLU A 427 -13.03 4.77 -23.20
C GLU A 427 -12.68 3.36 -22.72
N ASN A 428 -13.04 2.36 -23.52
CA ASN A 428 -12.82 0.94 -23.20
C ASN A 428 -11.62 0.38 -23.97
N ARG A 429 -10.43 0.82 -23.58
CA ARG A 429 -9.18 0.44 -24.25
C ARG A 429 -8.93 -1.06 -24.24
N THR A 430 -9.03 -1.66 -25.43
CA THR A 430 -8.72 -3.08 -25.61
C THR A 430 -7.24 -3.31 -25.36
N ILE A 431 -6.92 -4.40 -24.66
CA ILE A 431 -5.56 -4.74 -24.24
C ILE A 431 -4.47 -4.44 -25.30
N GLU A 432 -4.81 -4.57 -26.58
CA GLU A 432 -3.90 -4.24 -27.68
C GLU A 432 -3.52 -2.76 -27.67
N ASP A 433 -4.54 -1.90 -27.59
CA ASP A 433 -4.35 -0.45 -27.49
C ASP A 433 -3.51 -0.12 -26.28
N THR A 434 -3.89 -0.68 -25.14
CA THR A 434 -3.16 -0.53 -23.88
C THR A 434 -1.66 -0.72 -24.12
N LEU A 435 -1.31 -1.84 -24.75
CA LEU A 435 0.08 -2.13 -25.08
C LEU A 435 0.64 -1.17 -26.15
N GLU A 436 -0.20 -0.81 -27.11
CA GLU A 436 0.22 0.07 -28.20
C GLU A 436 0.55 1.49 -27.75
N ILE A 437 -0.30 2.04 -26.89
CA ILE A 437 -0.06 3.34 -26.27
C ILE A 437 1.25 3.29 -25.47
N GLY A 438 1.52 2.12 -24.89
CA GLY A 438 2.79 1.87 -24.24
C GLY A 438 3.93 2.09 -25.20
N TRP A 439 3.89 1.38 -26.33
CA TRP A 439 4.94 1.47 -27.33
C TRP A 439 5.14 2.90 -27.86
N GLN A 440 4.03 3.60 -28.07
CA GLN A 440 4.07 4.96 -28.59
C GLN A 440 4.88 5.92 -27.72
N ILE A 441 4.77 5.76 -26.40
CA ILE A 441 5.52 6.61 -25.48
C ILE A 441 6.90 6.03 -25.14
N LEU A 442 7.07 4.74 -25.40
CA LEU A 442 8.38 4.08 -25.25
C LEU A 442 9.35 4.47 -26.36
N THR A 443 8.83 5.15 -27.38
CA THR A 443 9.66 5.63 -28.48
C THR A 443 10.40 6.90 -28.09
N HIS A 444 9.88 7.61 -27.10
CA HIS A 444 10.49 8.87 -26.66
C HIS A 444 11.82 8.71 -25.95
N LEU A 445 11.91 7.72 -25.05
CA LEU A 445 13.17 7.41 -24.40
C LEU A 445 14.08 6.55 -25.30
N PRO A 446 15.38 6.90 -25.35
CA PRO A 446 16.34 6.28 -26.28
C PRO A 446 16.38 4.77 -26.17
N GLU A 447 16.58 4.12 -27.32
CA GLU A 447 16.54 2.66 -27.43
C GLU A 447 17.60 1.93 -26.60
N ASN A 448 18.84 2.45 -26.62
CA ASN A 448 19.94 1.88 -25.83
C ASN A 448 19.76 2.04 -24.31
N GLN A 449 18.64 2.67 -23.92
CA GLN A 449 18.30 2.88 -22.52
C GLN A 449 17.06 2.06 -22.11
N LEU A 450 16.48 1.33 -23.07
CA LEU A 450 15.32 0.48 -22.80
C LEU A 450 15.63 -0.71 -21.87
N GLY A 451 15.56 -0.43 -20.56
CA GLY A 451 15.76 -1.40 -19.48
C GLY A 451 16.35 -2.78 -19.76
N ARG A 452 15.46 -3.77 -19.86
CA ARG A 452 15.88 -5.17 -19.95
C ARG A 452 15.15 -6.01 -21.02
N ILE A 453 14.39 -5.34 -21.89
CA ILE A 453 13.65 -6.00 -22.97
C ILE A 453 14.55 -6.76 -23.95
N ASP A 454 14.01 -7.84 -24.51
CA ASP A 454 14.69 -8.60 -25.56
C ASP A 454 14.58 -7.82 -26.88
N ASN A 455 15.62 -7.92 -27.71
CA ASN A 455 15.63 -7.30 -29.04
C ASN A 455 14.46 -7.69 -29.93
N LYS A 456 14.05 -8.96 -29.85
CA LYS A 456 12.93 -9.48 -30.64
C LYS A 456 11.60 -8.83 -30.25
N TYR A 457 11.42 -8.58 -28.96
CA TYR A 457 10.23 -7.86 -28.46
C TYR A 457 10.24 -6.42 -28.97
N ILE A 458 11.41 -5.80 -28.99
CA ILE A 458 11.59 -4.43 -29.49
C ILE A 458 11.41 -4.35 -31.02
N GLN A 459 12.31 -5.00 -31.75
CA GLN A 459 12.38 -4.89 -33.23
C GLN A 459 11.06 -5.13 -33.96
N LYS A 460 10.22 -6.01 -33.41
CA LYS A 460 8.94 -6.36 -34.03
C LYS A 460 7.82 -5.37 -33.65
N TYR A 461 7.73 -5.05 -32.35
CA TYR A 461 6.62 -4.26 -31.81
C TYR A 461 6.93 -2.78 -31.63
N HIS A 462 8.09 -2.34 -32.12
CA HIS A 462 8.52 -0.94 -32.00
C HIS A 462 8.36 -0.22 -33.34
N PRO A 463 7.71 0.97 -33.32
CA PRO A 463 7.58 1.78 -34.52
C PRO A 463 8.77 2.73 -34.72
N GLY B 22 6.58 27.14 -8.10
CA GLY B 22 8.01 27.43 -7.84
C GLY B 22 8.59 26.60 -6.71
N PRO B 23 9.86 26.15 -6.85
CA PRO B 23 10.54 25.36 -5.82
C PRO B 23 11.30 26.22 -4.81
N LEU B 24 11.19 25.87 -3.54
CA LEU B 24 11.80 26.65 -2.46
C LEU B 24 13.24 26.22 -2.15
N ILE B 25 14.11 27.22 -1.99
CA ILE B 25 15.52 27.01 -1.66
C ILE B 25 15.87 27.73 -0.37
N PHE B 26 16.58 27.03 0.51
CA PHE B 26 16.86 27.52 1.85
C PHE B 26 18.16 28.32 1.90
N VAL B 27 18.02 29.58 2.32
CA VAL B 27 19.07 30.56 2.19
C VAL B 27 19.59 31.00 3.56
N GLU B 28 20.92 31.09 3.65
CA GLU B 28 21.61 31.61 4.82
C GLU B 28 21.25 33.08 5.01
N LYS B 29 20.67 33.43 6.14
CA LYS B 29 20.32 34.82 6.43
C LYS B 29 21.56 35.65 6.79
N THR B 30 21.93 36.54 5.88
CA THR B 30 23.08 37.43 6.08
C THR B 30 22.63 38.89 6.04
N GLU B 31 21.35 39.08 5.73
CA GLU B 31 20.79 40.41 5.49
C GLU B 31 19.29 40.38 5.82
N PRO B 32 18.75 41.47 6.38
CA PRO B 32 17.31 41.49 6.65
C PRO B 32 16.53 41.43 5.34
N VAL B 33 15.41 40.70 5.33
CA VAL B 33 14.61 40.53 4.13
C VAL B 33 13.14 40.84 4.36
N GLY B 34 12.42 41.04 3.27
CA GLY B 34 10.96 41.22 3.30
C GLY B 34 10.28 40.16 2.47
N TYR B 35 8.96 40.08 2.60
CA TYR B 35 8.17 39.13 1.82
C TYR B 35 8.08 39.55 0.36
N ASN B 36 7.97 38.56 -0.53
CA ASN B 36 7.83 38.78 -1.98
C ASN B 36 8.97 39.59 -2.63
N GLU B 37 10.06 39.79 -1.89
CA GLU B 37 11.19 40.54 -2.43
C GLU B 37 12.10 39.63 -3.25
N ILE B 38 12.74 40.22 -4.25
CA ILE B 38 13.57 39.48 -5.20
C ILE B 38 14.99 39.35 -4.67
N VAL B 39 15.58 38.17 -4.86
CA VAL B 39 16.94 37.89 -4.41
C VAL B 39 17.74 37.18 -5.50
N ASN B 40 19.07 37.14 -5.33
CA ASN B 40 19.96 36.40 -6.24
C ASN B 40 20.89 35.46 -5.47
N ILE B 41 20.53 34.19 -5.41
CA ILE B 41 21.31 33.21 -4.63
C ILE B 41 22.50 32.60 -5.37
N LYS B 42 23.69 32.80 -4.79
CA LYS B 42 24.88 32.05 -5.21
C LYS B 42 24.65 30.60 -4.87
N MET B 43 25.03 29.71 -5.78
CA MET B 43 24.79 28.28 -5.60
C MET B 43 25.98 27.59 -4.92
N GLY B 44 25.93 26.25 -4.87
CA GLY B 44 27.02 25.46 -4.30
C GLY B 44 28.31 25.55 -5.10
N ASP B 45 28.17 25.76 -6.41
CA ASP B 45 29.31 25.89 -7.32
C ASP B 45 29.61 27.35 -7.68
N GLY B 46 28.57 28.11 -8.03
CA GLY B 46 28.71 29.51 -8.40
C GLY B 46 27.83 29.96 -9.55
N THR B 47 26.77 29.20 -9.81
CA THR B 47 25.75 29.59 -10.80
C THR B 47 24.64 30.36 -10.07
N VAL B 48 24.73 31.68 -10.13
CA VAL B 48 23.76 32.57 -9.48
C VAL B 48 22.37 32.45 -10.09
N ARG B 49 21.36 32.33 -9.24
CA ARG B 49 19.99 32.12 -9.69
C ARG B 49 19.01 33.08 -9.04
N ARG B 50 17.91 33.35 -9.73
CA ARG B 50 16.89 34.27 -9.23
C ARG B 50 15.77 33.56 -8.47
N GLY B 51 15.03 34.36 -7.71
CA GLY B 51 13.93 33.87 -6.91
C GLY B 51 13.40 34.98 -6.02
N GLN B 52 12.32 34.69 -5.30
CA GLN B 52 11.76 35.64 -4.35
C GLN B 52 11.48 35.01 -2.98
N VAL B 53 11.46 35.86 -1.95
CA VAL B 53 11.29 35.41 -0.58
C VAL B 53 9.85 35.03 -0.29
N LEU B 54 9.65 33.82 0.24
CA LEU B 54 8.34 33.32 0.61
C LEU B 54 8.10 33.48 2.12
N ASP B 55 9.04 33.01 2.91
CA ASP B 55 8.98 33.09 4.36
C ASP B 55 10.40 33.07 4.92
N SER B 56 10.53 33.39 6.20
CA SER B 56 11.84 33.38 6.86
C SER B 56 11.74 33.01 8.35
N SER B 57 12.87 32.59 8.90
CA SER B 57 12.98 32.32 10.33
C SER B 57 13.84 33.39 10.97
N ALA B 58 14.48 33.04 12.09
CA ALA B 58 15.45 33.92 12.73
C ALA B 58 16.74 34.04 11.89
N ASP B 59 17.20 32.91 11.33
CA ASP B 59 18.45 32.88 10.56
C ASP B 59 18.42 32.04 9.27
N ILE B 60 17.22 31.68 8.81
CA ILE B 60 17.03 30.94 7.55
C ILE B 60 15.98 31.64 6.68
N VAL B 61 16.15 31.59 5.36
CA VAL B 61 15.20 32.21 4.42
C VAL B 61 14.72 31.24 3.34
N VAL B 62 13.39 31.12 3.20
CA VAL B 62 12.78 30.27 2.19
C VAL B 62 12.57 31.07 0.91
N VAL B 63 13.09 30.57 -0.21
CA VAL B 63 13.01 31.30 -1.49
C VAL B 63 12.52 30.44 -2.65
N GLN B 64 11.45 30.90 -3.31
CA GLN B 64 10.94 30.28 -4.54
C GLN B 64 11.61 30.88 -5.78
N VAL B 65 12.18 30.02 -6.62
CA VAL B 65 12.82 30.45 -7.87
C VAL B 65 11.77 30.80 -8.92
N PHE B 66 11.95 31.96 -9.57
CA PHE B 66 11.00 32.48 -10.55
C PHE B 66 10.98 31.63 -11.83
N ILE B 79 20.22 45.53 -5.99
CA ILE B 79 19.80 44.13 -6.01
C ILE B 79 20.56 43.29 -4.99
N PHE B 80 19.86 42.37 -4.32
CA PHE B 80 20.45 41.56 -3.26
C PHE B 80 20.92 40.18 -3.71
N THR B 81 22.15 39.84 -3.33
CA THR B 81 22.71 38.52 -3.58
C THR B 81 23.01 37.80 -2.27
N GLY B 82 22.51 36.57 -2.14
CA GLY B 82 22.69 35.77 -0.93
C GLY B 82 23.33 34.42 -1.16
N GLU B 83 23.77 33.79 -0.07
CA GLU B 83 24.40 32.47 -0.13
C GLU B 83 23.43 31.40 0.35
N THR B 84 23.56 30.20 -0.21
CA THR B 84 22.70 29.07 0.16
C THR B 84 23.06 28.56 1.55
N LEU B 85 22.11 27.90 2.22
CA LEU B 85 22.37 27.33 3.53
C LEU B 85 23.34 26.17 3.40
N LYS B 86 24.36 26.19 4.26
CA LYS B 86 25.42 25.19 4.20
C LYS B 86 25.38 24.27 5.42
N LEU B 87 25.68 22.99 5.20
CA LEU B 87 25.75 22.01 6.27
C LEU B 87 27.18 21.92 6.79
N PRO B 88 27.37 22.00 8.14
CA PRO B 88 28.69 21.84 8.76
C PRO B 88 29.22 20.41 8.64
N ALA B 89 29.52 19.99 7.41
CA ALA B 89 29.86 18.62 7.12
C ALA B 89 31.27 18.25 7.58
N SER B 90 31.35 17.10 8.24
CA SER B 90 32.62 16.55 8.72
C SER B 90 32.42 15.11 9.22
N VAL B 91 33.46 14.30 9.10
CA VAL B 91 33.49 12.98 9.73
C VAL B 91 33.26 13.19 11.23
N ASP B 92 33.65 14.38 11.68
CA ASP B 92 33.54 14.84 13.06
C ASP B 92 32.09 14.95 13.57
N LEU B 93 31.13 14.62 12.71
CA LEU B 93 29.74 14.43 13.14
C LEU B 93 29.68 13.08 13.88
N LEU B 94 28.60 12.32 13.66
CA LEU B 94 28.44 10.97 14.23
C LEU B 94 28.66 10.97 15.74
N GLY B 95 27.59 11.18 16.49
CA GLY B 95 27.68 11.23 17.95
C GLY B 95 26.95 12.41 18.52
N ARG B 96 26.91 13.51 17.78
CA ARG B 96 26.22 14.70 18.25
C ARG B 96 24.78 14.82 17.75
N ILE B 97 23.92 15.30 18.63
CA ILE B 97 22.52 15.55 18.32
C ILE B 97 22.40 17.02 17.90
N LEU B 98 21.52 17.31 16.96
CA LEU B 98 21.41 18.67 16.41
C LEU B 98 19.98 19.10 16.16
N SER B 99 19.83 20.38 15.80
CA SER B 99 18.59 20.92 15.29
C SER B 99 18.58 20.79 13.77
N GLY B 100 17.42 21.00 13.16
CA GLY B 100 17.27 20.96 11.71
C GLY B 100 18.06 22.04 11.00
N SER B 101 18.83 22.80 11.79
CA SER B 101 19.73 23.83 11.27
C SER B 101 21.18 23.47 11.55
N GLY B 102 21.38 22.31 12.17
CA GLY B 102 22.72 21.84 12.54
C GLY B 102 23.20 22.40 13.86
N GLU B 103 22.28 22.98 14.63
CA GLU B 103 22.62 23.56 15.93
C GLU B 103 22.64 22.49 17.02
N PRO B 104 23.79 22.36 17.71
CA PRO B 104 24.01 21.35 18.74
C PRO B 104 22.97 21.36 19.86
N ARG B 105 22.47 20.18 20.20
CA ARG B 105 21.51 19.99 21.28
C ARG B 105 22.10 19.22 22.46
N ASP B 106 23.24 18.55 22.23
CA ASP B 106 23.83 17.68 23.24
C ASP B 106 24.85 18.40 24.15
N GLY B 107 24.70 19.72 24.25
CA GLY B 107 25.52 20.53 25.16
C GLY B 107 26.96 20.70 24.74
N GLY B 108 27.41 19.86 23.82
CA GLY B 108 28.79 19.89 23.33
C GLY B 108 29.09 21.08 22.43
N PRO B 109 30.28 21.07 21.80
CA PRO B 109 30.76 22.20 21.00
C PRO B 109 30.06 22.34 19.65
N ARG B 110 30.40 23.41 18.93
CA ARG B 110 29.98 23.61 17.54
C ARG B 110 30.71 22.60 16.64
N ILE B 111 30.04 22.16 15.58
CA ILE B 111 30.66 21.20 14.65
C ILE B 111 31.73 21.89 13.82
N VAL B 112 32.95 21.37 13.90
CA VAL B 112 34.09 21.91 13.15
C VAL B 112 34.08 21.33 11.73
N PRO B 113 33.68 22.14 10.73
CA PRO B 113 33.42 21.65 9.39
C PRO B 113 34.64 21.67 8.47
N ASP B 114 34.98 20.50 7.93
CA ASP B 114 36.00 20.39 6.90
C ASP B 114 35.51 21.04 5.61
N GLN B 115 34.19 21.03 5.44
CA GLN B 115 33.53 21.69 4.31
C GLN B 115 32.07 21.95 4.65
N LEU B 116 31.57 23.09 4.20
CA LEU B 116 30.16 23.44 4.40
C LEU B 116 29.40 23.45 3.07
N LEU B 117 28.79 22.30 2.76
CA LEU B 117 28.14 22.08 1.48
C LEU B 117 26.63 22.35 1.46
N ASP B 118 26.12 22.64 0.27
CA ASP B 118 24.71 22.99 0.04
C ASP B 118 23.76 21.89 0.52
N ILE B 119 22.73 22.28 1.27
CA ILE B 119 21.76 21.33 1.83
C ILE B 119 20.68 20.90 0.85
N ASN B 120 20.48 21.70 -0.20
CA ASN B 120 19.46 21.43 -1.22
C ASN B 120 19.86 20.33 -2.20
N GLY B 121 21.08 19.80 -2.03
CA GLY B 121 21.56 18.69 -2.83
C GLY B 121 22.34 19.11 -4.06
N ALA B 122 22.30 20.41 -4.38
CA ALA B 122 22.95 20.95 -5.56
C ALA B 122 24.47 21.10 -5.38
N ALA B 123 25.02 20.37 -4.43
CA ALA B 123 26.46 20.42 -4.13
C ALA B 123 27.24 19.40 -4.96
N MET B 124 26.74 18.18 -5.03
CA MET B 124 27.49 17.08 -5.62
C MET B 124 26.76 16.36 -6.74
N ASN B 125 25.52 15.96 -6.46
CA ASN B 125 24.83 14.89 -7.19
C ASN B 125 25.73 13.64 -7.20
N PRO B 126 25.85 12.98 -6.04
CA PRO B 126 26.81 11.90 -5.87
C PRO B 126 26.27 10.50 -6.15
N TYR B 127 25.07 10.41 -6.73
CA TYR B 127 24.42 9.14 -7.00
C TYR B 127 24.80 8.57 -8.36
N ALA B 128 24.96 7.25 -8.42
CA ALA B 128 25.35 6.56 -9.65
C ALA B 128 24.16 5.93 -10.35
N ARG B 129 24.26 5.80 -11.67
CA ARG B 129 23.25 5.10 -12.46
C ARG B 129 23.39 3.59 -12.24
N LEU B 130 23.01 3.14 -11.05
CA LEU B 130 23.15 1.74 -10.63
C LEU B 130 22.04 1.34 -9.67
N PRO B 131 21.37 0.20 -9.95
CA PRO B 131 20.23 -0.22 -9.13
C PRO B 131 20.65 -0.76 -7.77
N PRO B 132 20.01 -0.26 -6.68
CA PRO B 132 20.27 -0.76 -5.33
C PRO B 132 20.41 -2.28 -5.32
N LYS B 133 21.53 -2.77 -4.77
CA LYS B 133 21.85 -4.19 -4.81
C LYS B 133 21.85 -4.86 -3.45
N ASP B 134 22.92 -4.70 -2.69
CA ASP B 134 23.19 -5.56 -1.53
C ASP B 134 22.24 -5.39 -0.34
N PHE B 135 22.45 -6.22 0.68
CA PHE B 135 21.49 -6.42 1.77
C PHE B 135 21.74 -5.56 3.01
N ILE B 136 20.68 -5.24 3.75
CA ILE B 136 20.80 -4.56 5.05
C ILE B 136 20.10 -5.33 6.17
N GLN B 137 20.90 -5.77 7.14
CA GLN B 137 20.41 -6.47 8.32
C GLN B 137 19.71 -5.48 9.24
N THR B 138 18.39 -5.44 9.17
CA THR B 138 17.60 -4.54 10.02
C THR B 138 17.34 -5.12 11.41
N GLY B 139 17.54 -6.43 11.56
CA GLY B 139 17.33 -7.09 12.83
C GLY B 139 15.90 -7.54 13.06
N ILE B 140 14.98 -7.05 12.23
CA ILE B 140 13.57 -7.44 12.32
C ILE B 140 13.20 -8.40 11.18
N SER B 141 12.55 -9.50 11.55
CA SER B 141 12.23 -10.58 10.63
C SER B 141 11.26 -10.17 9.52
N THR B 142 10.19 -9.49 9.92
CA THR B 142 9.14 -9.06 9.00
C THR B 142 9.68 -8.15 7.89
N ILE B 143 10.83 -7.55 8.14
CA ILE B 143 11.53 -6.75 7.14
C ILE B 143 12.60 -7.61 6.45
N ASP B 144 13.61 -8.02 7.21
CA ASP B 144 14.74 -8.76 6.66
C ASP B 144 14.34 -10.02 5.91
N GLY B 145 13.51 -10.85 6.54
CA GLY B 145 13.08 -12.12 5.95
C GLY B 145 12.16 -11.97 4.75
N THR B 146 11.03 -11.32 4.97
CA THR B 146 9.96 -11.25 3.98
C THR B 146 10.01 -10.05 3.05
N ASN B 147 10.34 -8.87 3.59
CA ASN B 147 10.41 -7.66 2.78
C ASN B 147 11.80 -7.03 2.79
N THR B 148 12.81 -7.86 2.53
CA THR B 148 14.23 -7.52 2.62
C THR B 148 14.58 -6.10 2.18
N LEU B 149 15.34 -5.39 3.02
CA LEU B 149 15.74 -4.02 2.74
C LEU B 149 17.12 -3.97 2.06
N VAL B 150 17.16 -3.40 0.85
CA VAL B 150 18.40 -3.32 0.07
C VAL B 150 19.04 -1.94 0.06
N ARG B 151 20.36 -1.91 -0.06
CA ARG B 151 21.15 -0.69 0.05
C ARG B 151 20.79 0.34 -1.02
N GLY B 152 20.19 1.45 -0.59
CA GLY B 152 19.84 2.55 -1.48
C GLY B 152 18.36 2.60 -1.81
N GLN B 153 17.57 1.88 -1.03
CA GLN B 153 16.14 1.75 -1.27
C GLN B 153 15.36 2.84 -0.54
N LYS B 154 14.16 3.11 -1.03
CA LYS B 154 13.21 3.99 -0.35
C LYS B 154 12.03 3.16 0.14
N LEU B 155 12.16 2.65 1.36
CA LEU B 155 11.17 1.76 1.94
C LEU B 155 10.53 2.39 3.18
N PRO B 156 9.32 2.96 3.01
CA PRO B 156 8.64 3.66 4.09
C PRO B 156 7.92 2.73 5.07
N ILE B 157 7.63 3.24 6.27
CA ILE B 157 6.79 2.52 7.23
C ILE B 157 5.41 3.17 7.33
N PHE B 158 4.45 2.63 6.58
CA PHE B 158 3.08 3.13 6.59
C PHE B 158 2.41 2.81 7.92
N SER B 159 2.02 3.87 8.63
CA SER B 159 1.45 3.75 9.96
C SER B 159 0.19 4.60 10.15
N ALA B 160 -0.29 4.68 11.39
CA ALA B 160 -1.41 5.53 11.74
C ALA B 160 -1.19 6.19 13.11
N SER B 161 -2.19 6.92 13.59
CA SER B 161 -2.14 7.54 14.91
C SER B 161 -1.94 6.47 15.97
N GLY B 162 -1.11 6.78 16.95
CA GLY B 162 -0.88 5.90 18.09
C GLY B 162 -0.52 4.46 17.76
N LEU B 163 0.44 4.29 16.85
CA LEU B 163 1.02 2.98 16.57
C LEU B 163 2.52 3.01 16.86
N PRO B 164 3.12 1.83 17.13
CA PRO B 164 4.51 1.78 17.59
C PRO B 164 5.55 2.16 16.54
N HIS B 165 5.15 2.88 15.49
CA HIS B 165 6.05 3.19 14.39
C HIS B 165 7.37 3.82 14.86
N ASN B 166 7.26 4.79 15.77
CA ASN B 166 8.42 5.45 16.36
C ASN B 166 9.35 4.48 17.10
N GLU B 167 8.78 3.40 17.63
CA GLU B 167 9.54 2.42 18.38
C GLU B 167 10.31 1.52 17.43
N ILE B 168 9.69 1.22 16.28
CA ILE B 168 10.32 0.40 15.24
C ILE B 168 11.57 1.12 14.73
N ALA B 169 11.41 2.39 14.40
CA ALA B 169 12.50 3.23 13.92
C ALA B 169 13.70 3.12 14.86
N LEU B 170 13.49 3.43 16.13
CA LEU B 170 14.53 3.33 17.15
C LEU B 170 15.20 1.95 17.17
N GLN B 171 14.40 0.89 17.02
CA GLN B 171 14.94 -0.46 17.02
C GLN B 171 15.79 -0.73 15.79
N ILE B 172 15.37 -0.19 14.65
CA ILE B 172 16.15 -0.31 13.43
C ILE B 172 17.48 0.42 13.58
N ALA B 173 17.43 1.65 14.09
CA ALA B 173 18.62 2.48 14.28
C ALA B 173 19.67 1.77 15.14
N ARG B 174 19.20 1.11 16.20
CA ARG B 174 20.08 0.37 17.10
C ARG B 174 20.67 -0.87 16.45
N GLN B 175 19.89 -1.53 15.60
CA GLN B 175 20.23 -2.87 15.12
C GLN B 175 20.85 -2.94 13.74
N ALA B 176 20.44 -2.03 12.86
CA ALA B 176 20.80 -2.07 11.45
C ALA B 176 22.29 -2.29 11.20
N SER B 177 22.59 -3.14 10.22
CA SER B 177 23.97 -3.44 9.86
C SER B 177 24.07 -3.96 8.44
N VAL B 178 25.28 -3.92 7.89
CA VAL B 178 25.56 -4.48 6.57
C VAL B 178 26.63 -5.57 6.68
N PRO B 179 26.20 -6.81 6.96
CA PRO B 179 27.10 -7.94 7.19
C PRO B 179 27.92 -8.30 5.95
N GLY B 180 29.21 -8.53 6.14
CA GLY B 180 30.13 -8.83 5.05
C GLY B 180 30.71 -7.58 4.41
N SER B 181 29.84 -6.59 4.17
CA SER B 181 30.21 -5.35 3.49
C SER B 181 31.41 -4.62 4.10
N GLU B 182 32.38 -4.30 3.24
CA GLU B 182 33.61 -3.62 3.67
C GLU B 182 33.43 -2.13 3.96
N SER B 183 32.31 -1.56 3.53
CA SER B 183 32.00 -0.15 3.80
C SER B 183 31.49 0.07 5.21
N ALA B 184 31.95 1.13 5.85
CA ALA B 184 31.56 1.47 7.22
C ALA B 184 30.11 1.94 7.28
N PHE B 185 29.35 1.38 8.22
CA PHE B 185 27.92 1.64 8.33
C PHE B 185 27.59 2.79 9.28
N ALA B 186 26.58 3.58 8.90
CA ALA B 186 26.11 4.71 9.71
C ALA B 186 24.62 4.95 9.57
N VAL B 187 24.01 5.53 10.60
CA VAL B 187 22.58 5.83 10.63
C VAL B 187 22.34 7.32 10.88
N VAL B 188 21.57 7.95 10.00
CA VAL B 188 21.16 9.34 10.18
C VAL B 188 19.68 9.42 10.54
N PHE B 189 19.40 9.87 11.77
CA PHE B 189 18.05 9.97 12.30
C PHE B 189 17.51 11.40 12.17
N ALA B 190 16.24 11.52 11.81
CA ALA B 190 15.61 12.83 11.59
C ALA B 190 14.19 12.90 12.16
N ALA B 191 13.99 13.84 13.07
CA ALA B 191 12.70 14.02 13.73
C ALA B 191 12.03 15.33 13.30
N MET B 192 10.77 15.23 12.91
CA MET B 192 9.95 16.38 12.55
C MET B 192 8.79 16.58 13.53
N GLY B 193 8.72 17.77 14.12
CA GLY B 193 7.59 18.18 14.94
C GLY B 193 7.21 17.27 16.08
N ILE B 194 8.21 16.63 16.69
CA ILE B 194 8.01 15.77 17.86
C ILE B 194 7.72 16.62 19.11
N THR B 195 7.45 15.95 20.23
CA THR B 195 7.27 16.64 21.50
C THR B 195 8.53 16.50 22.36
N ASN B 196 8.57 17.26 23.46
CA ASN B 196 9.68 17.19 24.41
C ASN B 196 9.81 15.80 25.04
N GLU B 197 8.67 15.21 25.39
CA GLU B 197 8.62 13.85 25.92
C GLU B 197 9.30 12.86 24.98
N GLU B 198 8.91 12.93 23.70
CA GLU B 198 9.51 12.08 22.66
C GLU B 198 10.96 12.46 22.38
N ALA B 199 11.30 13.73 22.60
CA ALA B 199 12.67 14.20 22.43
C ALA B 199 13.57 13.58 23.49
N GLN B 200 13.05 13.44 24.70
CA GLN B 200 13.79 12.78 25.77
C GLN B 200 13.79 11.27 25.57
N TYR B 201 12.73 10.75 24.95
CA TYR B 201 12.61 9.33 24.64
C TYR B 201 13.73 8.91 23.69
N PHE B 202 13.97 9.74 22.69
CA PHE B 202 14.94 9.47 21.63
C PHE B 202 16.36 9.68 22.12
N MET B 203 16.65 10.91 22.56
CA MET B 203 17.98 11.29 23.04
C MET B 203 18.53 10.29 24.06
N SER B 204 17.71 9.93 25.04
CA SER B 204 18.10 9.00 26.10
C SER B 204 18.47 7.63 25.54
N ASP B 205 17.56 7.07 24.73
CA ASP B 205 17.77 5.76 24.11
C ASP B 205 19.06 5.72 23.27
N PHE B 206 19.15 6.64 22.31
CA PHE B 206 20.29 6.73 21.40
C PHE B 206 21.65 6.80 22.09
N GLU B 207 21.67 7.30 23.32
CA GLU B 207 22.90 7.42 24.08
C GLU B 207 23.27 6.13 24.80
N LYS B 208 22.35 5.63 25.62
CA LYS B 208 22.63 4.49 26.49
C LYS B 208 22.68 3.15 25.74
N THR B 209 21.96 3.05 24.62
CA THR B 209 21.99 1.84 23.79
C THR B 209 23.32 1.73 23.03
N GLY B 210 24.03 2.84 22.91
CA GLY B 210 25.36 2.86 22.31
C GLY B 210 25.37 3.27 20.86
N ALA B 211 24.23 3.16 20.20
CA ALA B 211 24.10 3.51 18.79
C ALA B 211 24.10 5.02 18.62
N LEU B 212 25.28 5.62 18.74
CA LEU B 212 25.46 7.04 18.55
C LEU B 212 26.78 7.31 17.85
N GLU B 213 27.75 6.43 18.09
CA GLU B 213 29.06 6.50 17.43
C GLU B 213 28.96 6.05 15.98
N ARG B 214 27.72 5.96 15.49
CA ARG B 214 27.42 5.68 14.09
C ARG B 214 26.24 6.55 13.64
N ALA B 215 25.74 7.36 14.57
CA ALA B 215 24.51 8.10 14.35
C ALA B 215 24.68 9.62 14.39
N VAL B 216 24.18 10.28 13.35
CA VAL B 216 23.98 11.72 13.35
C VAL B 216 22.48 11.92 13.55
N VAL B 217 22.12 12.50 14.69
CA VAL B 217 20.71 12.67 15.04
C VAL B 217 20.28 14.12 14.81
N PHE B 218 19.20 14.30 14.05
CA PHE B 218 18.62 15.60 13.83
C PHE B 218 17.26 15.67 14.52
N LEU B 219 17.18 16.48 15.56
CA LEU B 219 15.94 16.59 16.31
C LEU B 219 15.31 17.97 16.17
N ASN B 220 14.05 17.95 15.73
CA ASN B 220 13.24 19.15 15.65
C ASN B 220 11.86 18.89 16.24
N LEU B 221 11.53 19.67 17.26
CA LEU B 221 10.25 19.55 17.95
C LEU B 221 9.24 20.59 17.47
N ALA B 222 7.97 20.36 17.81
CA ALA B 222 6.85 21.12 17.23
C ALA B 222 6.84 22.62 17.57
N ASP B 223 7.68 23.04 18.50
CA ASP B 223 7.80 24.46 18.87
C ASP B 223 8.98 25.18 18.23
N ASP B 224 9.91 24.39 17.67
CA ASP B 224 10.94 24.94 16.80
C ASP B 224 10.25 25.42 15.53
N PRO B 225 10.48 26.71 15.16
CA PRO B 225 9.87 27.36 14.00
C PRO B 225 9.65 26.41 12.82
N ALA B 226 8.46 26.49 12.22
CA ALA B 226 8.08 25.62 11.10
C ALA B 226 9.11 25.64 9.97
N VAL B 227 9.80 26.77 9.84
CA VAL B 227 10.86 26.96 8.85
C VAL B 227 11.98 25.92 9.02
N GLU B 228 12.39 25.70 10.27
CA GLU B 228 13.43 24.72 10.56
C GLU B 228 12.96 23.27 10.42
N ARG B 229 11.64 23.05 10.49
CA ARG B 229 11.07 21.71 10.32
C ARG B 229 11.29 21.18 8.91
N ILE B 230 11.00 22.03 7.92
CA ILE B 230 11.12 21.63 6.51
C ILE B 230 12.56 21.47 6.04
N VAL B 231 13.49 22.12 6.76
CA VAL B 231 14.91 22.04 6.45
C VAL B 231 15.54 20.77 7.04
N THR B 232 14.89 20.22 8.07
CA THR B 232 15.41 19.07 8.81
C THR B 232 15.78 17.87 7.92
N PRO B 233 14.84 17.41 7.07
CA PRO B 233 15.20 16.29 6.17
C PRO B 233 16.32 16.63 5.19
N ARG B 234 16.36 17.87 4.70
CA ARG B 234 17.45 18.31 3.83
C ARG B 234 18.81 18.12 4.50
N MET B 235 18.89 18.56 5.75
CA MET B 235 20.10 18.39 6.55
C MET B 235 20.45 16.91 6.67
N ALA B 236 19.47 16.11 7.06
CA ALA B 236 19.66 14.68 7.26
C ALA B 236 20.15 13.99 5.99
N LEU B 237 19.60 14.41 4.85
CA LEU B 237 19.98 13.83 3.57
C LEU B 237 21.35 14.32 3.10
N THR B 238 21.69 15.57 3.42
CA THR B 238 22.97 16.15 3.03
C THR B 238 24.11 15.57 3.85
N ALA B 239 23.82 15.23 5.11
CA ALA B 239 24.76 14.51 5.97
C ALA B 239 24.98 13.11 5.40
N ALA B 240 23.88 12.41 5.13
CA ALA B 240 23.91 11.09 4.51
C ALA B 240 24.69 11.08 3.20
N GLU B 241 24.43 12.06 2.33
CA GLU B 241 25.13 12.18 1.07
C GLU B 241 26.62 12.44 1.24
N TYR B 242 26.98 13.20 2.28
CA TYR B 242 28.37 13.50 2.56
C TYR B 242 29.15 12.25 2.97
N LEU B 243 28.59 11.50 3.92
CA LEU B 243 29.23 10.30 4.44
C LEU B 243 29.37 9.21 3.37
N ALA B 244 28.26 8.89 2.71
CA ALA B 244 28.23 7.82 1.73
C ALA B 244 29.23 7.99 0.58
N TYR B 245 29.25 9.17 -0.03
CA TYR B 245 30.15 9.45 -1.14
C TYR B 245 31.60 9.65 -0.68
N GLU B 246 31.83 10.70 0.10
CA GLU B 246 33.19 11.14 0.43
C GLU B 246 33.92 10.30 1.49
N HIS B 247 33.24 9.30 2.06
CA HIS B 247 33.85 8.46 3.09
C HIS B 247 33.55 6.96 2.97
N GLY B 248 33.16 6.52 1.78
CA GLY B 248 32.86 5.10 1.51
C GLY B 248 31.94 4.45 2.52
N MET B 249 30.73 5.00 2.65
CA MET B 249 29.81 4.63 3.72
C MET B 249 28.48 4.12 3.21
N HIS B 250 27.92 3.15 3.90
CA HIS B 250 26.51 2.83 3.74
C HIS B 250 25.74 3.60 4.82
N VAL B 251 24.85 4.48 4.38
CA VAL B 251 24.12 5.36 5.30
C VAL B 251 22.61 5.08 5.27
N LEU B 252 22.01 4.98 6.45
CA LEU B 252 20.58 4.74 6.56
C LEU B 252 19.87 5.95 7.15
N VAL B 253 19.01 6.56 6.35
CA VAL B 253 18.26 7.74 6.77
C VAL B 253 16.88 7.34 7.29
N ILE B 254 16.49 7.93 8.42
CA ILE B 254 15.18 7.68 8.98
C ILE B 254 14.48 9.01 9.25
N LEU B 255 13.42 9.27 8.49
CA LEU B 255 12.62 10.48 8.68
C LEU B 255 11.34 10.11 9.41
N THR B 256 11.23 10.53 10.67
CA THR B 256 10.07 10.18 11.47
C THR B 256 8.92 11.14 11.29
N ASP B 257 7.79 10.58 10.84
CA ASP B 257 6.54 11.28 10.56
C ASP B 257 6.71 12.39 9.52
N ILE B 258 6.45 12.04 8.27
CA ILE B 258 6.54 12.99 7.17
C ILE B 258 5.21 13.73 6.99
N THR B 259 4.18 13.21 7.67
CA THR B 259 2.88 13.89 7.72
C THR B 259 2.97 15.18 8.54
N ASN B 260 3.91 15.21 9.48
CA ASN B 260 4.22 16.45 10.18
C ASN B 260 4.97 17.43 9.29
N TYR B 261 5.84 16.89 8.43
CA TYR B 261 6.56 17.71 7.45
C TYR B 261 5.55 18.39 6.53
N ALA B 262 4.52 17.65 6.13
CA ALA B 262 3.45 18.19 5.30
C ALA B 262 2.74 19.32 6.02
N GLU B 263 2.55 19.14 7.32
CA GLU B 263 1.89 20.13 8.18
C GLU B 263 2.64 21.48 8.18
N ALA B 264 3.97 21.42 8.12
CA ALA B 264 4.80 22.62 8.04
C ALA B 264 4.76 23.23 6.64
N LEU B 265 4.69 22.38 5.63
CA LEU B 265 4.51 22.80 4.24
C LEU B 265 3.18 23.53 4.05
N ARG B 266 2.15 22.98 4.69
CA ARG B 266 0.80 23.50 4.63
C ARG B 266 0.73 24.93 5.17
N GLN B 267 1.18 25.09 6.41
CA GLN B 267 1.11 26.38 7.09
C GLN B 267 2.41 27.15 6.88
N MET B 268 2.58 27.65 5.65
CA MET B 268 3.78 28.34 5.24
C MET B 268 3.45 29.68 4.59
N GLY B 269 3.76 30.77 5.30
CA GLY B 269 3.56 32.13 4.79
C GLY B 269 2.11 32.57 4.64
N ALA B 270 1.93 33.84 4.27
CA ALA B 270 0.61 34.37 3.95
C ALA B 270 0.34 34.28 2.43
N ALA B 271 1.39 33.97 1.68
CA ALA B 271 1.32 33.83 0.23
C ALA B 271 0.89 32.42 -0.17
N GLY B 280 -6.24 21.92 3.28
CA GLY B 280 -5.79 22.17 1.91
C GLY B 280 -4.28 22.29 1.80
N TYR B 281 -3.74 21.67 0.76
CA TYR B 281 -2.28 21.67 0.53
C TYR B 281 -1.89 22.49 -0.70
N PRO B 282 -0.69 23.10 -0.67
CA PRO B 282 -0.10 23.85 -1.81
C PRO B 282 0.02 23.07 -3.14
N GLY B 283 0.52 23.75 -4.17
CA GLY B 283 0.76 23.12 -5.46
C GLY B 283 2.12 22.45 -5.49
N TYR B 284 3.13 23.18 -5.01
CA TYR B 284 4.51 22.69 -4.94
C TYR B 284 4.69 21.55 -3.93
N MET B 285 3.61 21.21 -3.24
CA MET B 285 3.61 20.20 -2.16
C MET B 285 4.12 18.84 -2.63
N TYR B 286 3.47 18.29 -3.67
CA TYR B 286 3.86 17.00 -4.23
C TYR B 286 5.24 17.10 -4.87
N THR B 287 5.51 18.24 -5.48
CA THR B 287 6.79 18.49 -6.14
C THR B 287 7.92 18.63 -5.12
N ASP B 288 7.60 19.17 -3.95
CA ASP B 288 8.59 19.38 -2.90
C ASP B 288 9.09 18.06 -2.32
N LEU B 289 8.16 17.11 -2.14
CA LEU B 289 8.48 15.79 -1.64
C LEU B 289 9.44 15.06 -2.57
N ALA B 290 9.34 15.38 -3.86
CA ALA B 290 10.18 14.77 -4.87
C ALA B 290 11.66 15.13 -4.70
N THR B 291 11.93 16.32 -4.14
CA THR B 291 13.30 16.73 -3.84
C THR B 291 13.90 15.90 -2.70
N LEU B 292 13.04 15.27 -1.91
CA LEU B 292 13.47 14.39 -0.84
C LEU B 292 13.62 12.95 -1.34
N TYR B 293 12.59 12.44 -1.99
CA TYR B 293 12.63 11.05 -2.47
C TYR B 293 13.41 10.88 -3.77
N GLU B 294 14.15 11.92 -4.16
CA GLU B 294 15.16 11.79 -5.19
C GLU B 294 16.44 11.28 -4.55
N ARG B 295 16.72 11.79 -3.35
CA ARG B 295 17.98 11.57 -2.68
C ARG B 295 18.04 10.20 -1.99
N ALA B 296 18.36 9.18 -2.78
CA ALA B 296 18.55 7.80 -2.31
C ALA B 296 19.21 6.96 -3.39
N GLY B 297 19.95 5.93 -2.97
CA GLY B 297 20.60 5.02 -3.90
C GLY B 297 22.06 4.77 -3.59
N ILE B 298 22.76 4.22 -4.58
CA ILE B 298 24.18 3.89 -4.46
C ILE B 298 25.04 5.03 -5.00
N VAL B 299 26.08 5.39 -4.24
CA VAL B 299 26.96 6.50 -4.61
C VAL B 299 27.87 6.14 -5.81
N LYS B 300 28.42 7.18 -6.44
CA LYS B 300 29.41 7.00 -7.51
C LYS B 300 30.57 6.15 -7.00
N GLY B 301 30.96 5.16 -7.79
CA GLY B 301 32.06 4.26 -7.42
C GLY B 301 31.65 3.10 -6.53
N ALA B 302 30.33 2.93 -6.34
CA ALA B 302 29.76 1.77 -5.64
C ALA B 302 30.15 1.57 -4.17
N LYS B 303 31.14 2.32 -3.70
CA LYS B 303 31.71 2.10 -2.36
C LYS B 303 30.83 2.55 -1.19
N GLY B 304 29.61 3.01 -1.49
CA GLY B 304 28.67 3.44 -0.47
C GLY B 304 27.27 3.71 -0.98
N SER B 305 26.33 3.91 -0.05
CA SER B 305 24.92 4.12 -0.41
C SER B 305 24.14 4.95 0.61
N VAL B 306 22.95 5.39 0.17
CA VAL B 306 22.03 6.17 1.00
C VAL B 306 20.67 5.48 1.00
N THR B 307 20.37 4.78 2.09
CA THR B 307 19.11 4.07 2.21
C THR B 307 18.10 4.91 2.98
N GLN B 308 16.82 4.80 2.62
CA GLN B 308 15.80 5.70 3.15
C GLN B 308 14.59 4.97 3.75
N ILE B 309 14.38 5.15 5.04
CA ILE B 309 13.17 4.72 5.71
C ILE B 309 12.40 5.93 6.26
N PRO B 310 11.50 6.51 5.44
CA PRO B 310 10.61 7.57 5.90
C PRO B 310 9.36 7.01 6.56
N ILE B 311 8.86 7.70 7.58
CA ILE B 311 7.65 7.27 8.26
C ILE B 311 6.46 8.06 7.73
N LEU B 312 5.46 7.34 7.24
CA LEU B 312 4.24 7.95 6.73
C LEU B 312 3.05 7.47 7.58
N SER B 313 2.60 8.33 8.48
CA SER B 313 1.53 8.00 9.42
C SER B 313 0.27 8.81 9.15
N MET B 314 -0.86 8.13 9.01
CA MET B 314 -2.14 8.81 8.79
C MET B 314 -2.69 9.38 10.10
N PRO B 315 -3.02 10.68 10.11
CA PRO B 315 -3.31 11.48 11.31
C PRO B 315 -4.66 11.21 11.98
N GLY B 316 -4.97 12.00 13.01
CA GLY B 316 -6.21 11.87 13.78
C GLY B 316 -7.45 12.39 13.08
N ASP B 317 -7.57 13.72 12.96
CA ASP B 317 -8.70 14.35 12.27
C ASP B 317 -8.56 14.28 10.74
N ASP B 318 -9.59 14.74 10.02
CA ASP B 318 -9.52 14.78 8.55
C ASP B 318 -10.15 16.02 7.90
N ILE B 319 -11.27 16.50 8.45
CA ILE B 319 -11.84 17.79 8.02
C ILE B 319 -10.89 18.93 8.43
N THR B 320 -10.36 18.83 9.65
CA THR B 320 -9.16 19.58 10.04
C THR B 320 -7.97 18.64 9.80
N HIS B 321 -6.93 19.16 9.13
CA HIS B 321 -5.82 18.36 8.59
C HIS B 321 -6.30 17.28 7.60
N PRO B 322 -6.53 17.67 6.32
CA PRO B 322 -6.77 16.62 5.31
C PRO B 322 -5.51 15.79 5.08
N ILE B 323 -5.69 14.50 4.75
CA ILE B 323 -4.55 13.59 4.58
C ILE B 323 -3.83 13.83 3.25
N PRO B 324 -2.49 13.94 3.29
CA PRO B 324 -1.74 14.22 2.07
C PRO B 324 -1.50 12.97 1.22
N ASP B 325 -1.40 13.19 -0.10
CA ASP B 325 -1.05 12.13 -1.03
C ASP B 325 0.47 11.92 -1.01
N LEU B 326 0.92 11.08 -0.10
CA LEU B 326 2.35 10.80 0.08
C LEU B 326 2.80 9.63 -0.80
N SER B 327 1.90 9.19 -1.68
CA SER B 327 2.15 8.08 -2.61
C SER B 327 3.29 8.35 -3.60
N GLY B 328 3.90 9.52 -3.49
CA GLY B 328 5.10 9.85 -4.28
C GLY B 328 6.31 9.09 -3.80
N TYR B 329 6.27 8.69 -2.53
CA TYR B 329 7.34 7.94 -1.87
C TYR B 329 7.29 6.44 -2.15
N ILE B 330 6.10 5.85 -1.99
CA ILE B 330 5.92 4.41 -2.20
C ILE B 330 6.12 4.06 -3.67
N THR B 331 7.35 3.67 -4.01
CA THR B 331 7.69 3.24 -5.36
C THR B 331 8.46 1.93 -5.29
N GLU B 332 9.23 1.77 -4.23
CA GLU B 332 10.07 0.59 -4.05
C GLU B 332 9.53 -0.33 -2.96
N GLY B 333 8.24 -0.16 -2.66
CA GLY B 333 7.56 -0.96 -1.65
C GLY B 333 7.21 -0.13 -0.44
N GLN B 334 6.52 -0.75 0.52
CA GLN B 334 6.23 -0.10 1.80
C GLN B 334 6.05 -1.13 2.90
N ILE B 335 6.37 -0.71 4.13
CA ILE B 335 6.19 -1.56 5.30
C ILE B 335 4.93 -1.11 6.05
N VAL B 336 3.99 -2.03 6.24
CA VAL B 336 2.72 -1.71 6.87
C VAL B 336 2.65 -2.25 8.30
N VAL B 337 2.39 -1.36 9.24
CA VAL B 337 2.12 -1.73 10.63
C VAL B 337 0.61 -1.68 10.89
N ALA B 338 0.04 -2.80 11.33
CA ALA B 338 -1.40 -2.96 11.44
C ALA B 338 -1.90 -2.97 12.89
N ARG B 339 -3.02 -2.30 13.12
CA ARG B 339 -3.64 -2.26 14.45
C ARG B 339 -4.06 -3.64 14.95
N GLU B 340 -4.51 -4.48 14.02
CA GLU B 340 -4.95 -5.84 14.32
C GLU B 340 -3.95 -6.54 15.24
N LEU B 341 -2.67 -6.41 14.89
CA LEU B 341 -1.60 -7.08 15.61
C LEU B 341 -1.26 -6.34 16.90
N HIS B 342 -1.42 -5.02 16.87
CA HIS B 342 -1.20 -4.19 18.06
C HIS B 342 -2.22 -4.54 19.15
N ARG B 343 -3.49 -4.57 18.74
CA ARG B 343 -4.61 -4.91 19.63
C ARG B 343 -4.49 -6.31 20.24
N LYS B 344 -3.83 -7.22 19.52
CA LYS B 344 -3.57 -8.57 20.01
C LYS B 344 -2.28 -8.63 20.85
N GLY B 345 -1.55 -7.52 20.89
CA GLY B 345 -0.34 -7.39 21.70
C GLY B 345 0.87 -8.05 21.07
N ILE B 346 1.15 -7.71 19.81
CA ILE B 346 2.31 -8.22 19.09
C ILE B 346 3.20 -7.09 18.60
N TYR B 347 4.44 -7.09 19.07
CA TYR B 347 5.44 -6.16 18.58
C TYR B 347 6.55 -6.94 17.88
N PRO B 348 6.98 -6.49 16.67
CA PRO B 348 6.45 -5.40 15.86
C PRO B 348 5.18 -5.80 15.12
N PRO B 349 4.14 -4.93 15.15
CA PRO B 349 2.83 -5.21 14.56
C PRO B 349 2.80 -5.05 13.03
N ILE B 350 3.86 -5.52 12.37
CA ILE B 350 3.98 -5.41 10.92
C ILE B 350 3.24 -6.52 10.19
N ASN B 351 2.28 -6.13 9.34
CA ASN B 351 1.58 -7.09 8.53
C ASN B 351 2.30 -7.28 7.20
N VAL B 352 2.77 -8.51 6.97
CA VAL B 352 3.63 -8.81 5.82
C VAL B 352 2.86 -8.89 4.50
N LEU B 353 1.57 -9.23 4.57
CA LEU B 353 0.75 -9.41 3.38
C LEU B 353 0.58 -8.10 2.60
N PRO B 354 0.20 -7.01 3.29
CA PRO B 354 0.20 -5.71 2.63
C PRO B 354 1.61 -5.18 2.36
N SER B 355 2.55 -5.47 3.26
CA SER B 355 3.93 -5.02 3.12
C SER B 355 4.63 -5.65 1.92
N LEU B 356 5.63 -4.94 1.39
CA LEU B 356 6.42 -5.46 0.29
C LEU B 356 7.68 -4.63 0.05
N SER B 357 8.69 -5.28 -0.52
CA SER B 357 9.88 -4.61 -1.03
C SER B 357 10.05 -5.03 -2.48
N ARG B 358 10.01 -4.05 -3.38
CA ARG B 358 10.13 -4.33 -4.81
C ARG B 358 11.51 -4.88 -5.17
N LEU B 359 12.56 -4.19 -4.71
CA LEU B 359 13.94 -4.60 -5.03
C LEU B 359 14.58 -5.56 -4.01
N MET B 360 13.75 -6.43 -3.42
CA MET B 360 14.19 -7.45 -2.47
C MET B 360 15.20 -8.40 -3.10
N ASN B 361 14.86 -8.90 -4.30
CA ASN B 361 15.67 -9.89 -5.03
C ASN B 361 17.14 -9.51 -5.19
N SER B 362 17.41 -8.22 -5.14
CA SER B 362 18.74 -7.67 -5.36
C SER B 362 19.75 -8.00 -4.25
N GLY B 363 19.25 -8.17 -3.02
CA GLY B 363 20.12 -8.42 -1.87
C GLY B 363 19.63 -9.54 -0.98
N ILE B 364 19.72 -10.77 -1.50
CA ILE B 364 19.12 -11.93 -0.85
C ILE B 364 19.65 -13.24 -1.46
N GLY B 365 20.15 -14.12 -0.61
CA GLY B 365 20.51 -15.47 -1.02
C GLY B 365 21.91 -15.63 -1.60
N ALA B 366 22.46 -16.84 -1.43
CA ALA B 366 23.78 -17.21 -1.94
C ALA B 366 24.84 -16.15 -1.63
N GLY B 367 25.40 -16.20 -0.43
CA GLY B 367 26.43 -15.27 0.00
C GLY B 367 25.99 -13.82 0.06
N LYS B 368 24.67 -13.61 0.08
CA LYS B 368 24.09 -12.27 0.24
C LYS B 368 23.34 -12.30 1.56
N THR B 369 22.43 -13.27 1.66
CA THR B 369 21.80 -13.64 2.92
C THR B 369 22.05 -15.15 3.10
N ARG B 370 21.16 -15.96 2.53
CA ARG B 370 21.35 -17.41 2.45
C ARG B 370 20.49 -17.98 1.32
N GLU B 371 21.07 -18.90 0.55
CA GLU B 371 20.45 -19.48 -0.66
C GLU B 371 18.94 -19.76 -0.57
N ASP B 372 18.51 -20.31 0.57
CA ASP B 372 17.10 -20.69 0.76
C ASP B 372 16.17 -19.51 0.96
N HIS B 373 16.71 -18.38 1.43
CA HIS B 373 15.93 -17.19 1.79
C HIS B 373 14.63 -17.02 1.00
N LYS B 374 14.73 -16.86 -0.32
CA LYS B 374 13.56 -16.58 -1.16
C LYS B 374 12.56 -17.73 -1.16
N ALA B 375 13.07 -18.96 -1.11
CA ALA B 375 12.24 -20.15 -1.05
C ALA B 375 11.48 -20.25 0.27
N VAL B 376 11.97 -19.56 1.30
CA VAL B 376 11.31 -19.53 2.61
C VAL B 376 10.26 -18.44 2.67
N SER B 377 10.60 -17.26 2.14
CA SER B 377 9.70 -16.10 2.11
C SER B 377 8.40 -16.40 1.40
N ASP B 378 8.51 -16.98 0.21
CA ASP B 378 7.35 -17.36 -0.59
C ASP B 378 6.46 -18.32 0.17
N GLN B 379 7.07 -19.37 0.73
CA GLN B 379 6.36 -20.43 1.44
C GLN B 379 5.70 -19.93 2.73
N MET B 380 6.36 -18.99 3.41
CA MET B 380 5.78 -18.35 4.58
C MET B 380 4.60 -17.46 4.18
N TYR B 381 4.84 -16.59 3.20
CA TYR B 381 3.81 -15.67 2.71
C TYR B 381 2.52 -16.38 2.34
N ALA B 382 2.62 -17.36 1.43
CA ALA B 382 1.47 -18.16 1.02
C ALA B 382 0.82 -18.84 2.22
N GLY B 383 1.63 -19.48 3.05
CA GLY B 383 1.16 -20.19 4.25
C GLY B 383 0.45 -19.30 5.25
N TYR B 384 0.83 -18.03 5.27
CA TYR B 384 0.19 -17.02 6.11
C TYR B 384 -1.05 -16.48 5.41
N ALA B 385 -0.95 -16.27 4.11
CA ALA B 385 -2.08 -15.79 3.30
C ALA B 385 -3.25 -16.76 3.37
N GLU B 386 -2.95 -18.05 3.24
CA GLU B 386 -3.94 -19.11 3.32
C GLU B 386 -4.57 -19.13 4.71
N GLY B 387 -3.72 -19.22 5.74
CA GLY B 387 -4.17 -19.25 7.12
C GLY B 387 -5.09 -18.09 7.40
N ARG B 388 -4.61 -16.88 7.07
CA ARG B 388 -5.39 -15.66 7.25
C ARG B 388 -6.80 -15.78 6.68
N ASP B 389 -6.92 -16.38 5.50
CA ASP B 389 -8.22 -16.64 4.88
C ASP B 389 -9.05 -17.61 5.71
N LEU B 390 -8.40 -18.65 6.22
CA LEU B 390 -9.08 -19.72 6.94
C LEU B 390 -9.56 -19.32 8.34
N ARG B 391 -9.14 -18.13 8.78
CA ARG B 391 -9.67 -17.53 10.01
C ARG B 391 -11.10 -17.06 9.77
N GLY B 392 -11.47 -16.93 8.50
CA GLY B 392 -12.82 -16.58 8.10
C GLY B 392 -13.69 -17.81 7.93
N LEU B 393 -13.20 -18.77 7.14
CA LEU B 393 -13.92 -20.01 6.87
C LEU B 393 -14.31 -20.72 8.17
N VAL B 394 -13.49 -20.52 9.20
CA VAL B 394 -13.75 -21.07 10.53
C VAL B 394 -14.96 -20.40 11.18
N ALA B 395 -15.17 -19.13 10.85
CA ALA B 395 -16.29 -18.37 11.38
C ALA B 395 -17.54 -18.56 10.52
N ILE B 396 -17.39 -19.30 9.42
CA ILE B 396 -18.49 -19.58 8.50
C ILE B 396 -19.12 -20.94 8.82
N VAL B 397 -18.27 -21.95 8.99
CA VAL B 397 -18.73 -23.32 9.26
C VAL B 397 -18.18 -23.94 10.55
N GLY B 398 -17.73 -23.10 11.47
CA GLY B 398 -17.26 -23.57 12.78
C GLY B 398 -15.88 -24.20 12.76
N LYS B 399 -15.25 -24.23 13.93
CA LYS B 399 -13.92 -24.79 14.09
C LYS B 399 -13.87 -26.27 13.75
N GLU B 400 -14.85 -27.02 14.26
CA GLU B 400 -14.93 -28.45 14.01
C GLU B 400 -15.17 -28.74 12.53
N ALA B 401 -16.05 -27.96 11.92
CA ALA B 401 -16.37 -28.13 10.51
C ALA B 401 -15.27 -27.56 9.61
N LEU B 402 -14.08 -28.14 9.71
CA LEU B 402 -12.95 -27.69 8.91
C LEU B 402 -12.13 -28.89 8.39
N SER B 403 -11.33 -28.64 7.37
CA SER B 403 -10.49 -29.68 6.78
C SER B 403 -9.23 -29.91 7.60
N GLU B 404 -8.62 -31.08 7.43
CA GLU B 404 -7.40 -31.43 8.15
C GLU B 404 -6.26 -30.49 7.78
N ARG B 405 -6.06 -30.30 6.48
CA ARG B 405 -4.99 -29.42 5.99
C ARG B 405 -5.28 -27.98 6.39
N ASP B 406 -6.56 -27.60 6.30
CA ASP B 406 -6.99 -26.24 6.58
C ASP B 406 -6.72 -25.86 8.03
N THR B 407 -6.87 -26.82 8.93
CA THR B 407 -6.60 -26.59 10.36
C THR B 407 -5.13 -26.28 10.59
N LYS B 408 -4.24 -26.92 9.83
CA LYS B 408 -2.80 -26.73 9.98
C LYS B 408 -2.31 -25.35 9.56
N PHE B 409 -2.81 -24.87 8.43
CA PHE B 409 -2.50 -23.51 7.96
C PHE B 409 -3.08 -22.43 8.87
N LEU B 410 -4.24 -22.74 9.46
CA LEU B 410 -4.89 -21.87 10.45
C LEU B 410 -3.99 -21.73 11.68
N GLU B 411 -3.44 -22.86 12.12
CA GLU B 411 -2.51 -22.90 13.23
C GLU B 411 -1.18 -22.26 12.84
N PHE B 412 -0.78 -22.44 11.59
CA PHE B 412 0.43 -21.80 11.06
C PHE B 412 0.32 -20.27 11.16
N ALA B 413 -0.78 -19.73 10.64
CA ALA B 413 -1.06 -18.30 10.71
C ALA B 413 -1.00 -17.81 12.15
N ASP B 414 -1.32 -18.69 13.09
CA ASP B 414 -1.22 -18.38 14.52
C ASP B 414 0.24 -18.40 15.01
N LEU B 415 1.01 -19.39 14.54
CA LEU B 415 2.43 -19.49 14.90
C LEU B 415 3.26 -18.39 14.26
N PHE B 416 2.84 -17.96 13.06
CA PHE B 416 3.54 -16.92 12.32
C PHE B 416 3.59 -15.63 13.12
N GLU B 417 2.41 -15.17 13.52
CA GLU B 417 2.30 -13.96 14.32
C GLU B 417 3.03 -14.14 15.65
N ASP B 418 2.79 -15.27 16.32
CA ASP B 418 3.33 -15.51 17.65
C ASP B 418 4.86 -15.59 17.69
N LYS B 419 5.44 -16.42 16.82
CA LYS B 419 6.87 -16.70 16.91
C LYS B 419 7.75 -16.10 15.82
N PHE B 420 7.18 -15.81 14.64
CA PHE B 420 7.96 -15.15 13.59
C PHE B 420 7.81 -13.63 13.62
N VAL B 421 6.59 -13.15 13.82
CA VAL B 421 6.34 -11.70 13.83
C VAL B 421 6.80 -11.08 15.14
N ARG B 422 6.35 -11.65 16.26
CA ARG B 422 6.63 -11.13 17.59
C ARG B 422 8.09 -11.29 17.97
N GLN B 423 8.78 -10.15 18.15
CA GLN B 423 10.15 -10.15 18.66
C GLN B 423 10.39 -9.02 19.65
N GLY B 424 11.27 -9.28 20.61
CA GLY B 424 11.61 -8.32 21.67
C GLY B 424 12.06 -6.96 21.15
N TRP B 425 11.92 -5.96 22.02
CA TRP B 425 12.27 -4.58 21.72
C TRP B 425 13.78 -4.40 21.46
N ASN B 426 14.58 -5.35 21.94
CA ASN B 426 16.03 -5.25 21.84
C ASN B 426 16.75 -6.52 21.38
N GLU B 427 16.04 -7.39 20.68
CA GLU B 427 16.67 -8.58 20.09
C GLU B 427 16.95 -8.39 18.61
N ASN B 428 18.24 -8.39 18.27
CA ASN B 428 18.71 -8.23 16.89
C ASN B 428 18.91 -9.60 16.21
N ARG B 429 17.85 -10.10 15.57
CA ARG B 429 17.88 -11.40 14.89
C ARG B 429 18.69 -11.35 13.60
N THR B 430 19.75 -12.14 13.53
CA THR B 430 20.51 -12.30 12.29
C THR B 430 19.67 -13.05 11.27
N ILE B 431 19.91 -12.77 9.98
CA ILE B 431 19.17 -13.43 8.90
C ILE B 431 19.11 -14.96 9.05
N GLU B 432 20.20 -15.55 9.56
CA GLU B 432 20.24 -16.98 9.83
C GLU B 432 19.19 -17.36 10.87
N ASP B 433 19.09 -16.55 11.93
CA ASP B 433 18.06 -16.77 12.94
C ASP B 433 16.68 -16.64 12.31
N THR B 434 16.41 -15.48 11.72
CA THR B 434 15.17 -15.19 11.00
C THR B 434 14.70 -16.38 10.16
N LEU B 435 15.60 -16.93 9.36
CA LEU B 435 15.27 -18.04 8.46
C LEU B 435 15.11 -19.37 9.19
N GLU B 436 15.91 -19.59 10.22
CA GLU B 436 15.82 -20.83 10.97
C GLU B 436 14.56 -20.88 11.83
N ILE B 437 14.08 -19.71 12.22
CA ILE B 437 12.76 -19.57 12.84
C ILE B 437 11.70 -19.94 11.80
N GLY B 438 11.91 -19.46 10.58
CA GLY B 438 11.04 -19.80 9.45
C GLY B 438 10.98 -21.29 9.17
N TRP B 439 12.05 -21.98 9.50
CA TRP B 439 12.08 -23.43 9.36
C TRP B 439 11.35 -24.12 10.50
N GLN B 440 11.49 -23.58 11.70
CA GLN B 440 10.80 -24.14 12.87
C GLN B 440 9.29 -23.90 12.81
N ILE B 441 8.86 -23.07 11.87
CA ILE B 441 7.45 -22.76 11.68
C ILE B 441 6.86 -23.57 10.51
N LEU B 442 7.68 -23.84 9.50
CA LEU B 442 7.23 -24.59 8.33
C LEU B 442 7.17 -26.09 8.62
N THR B 443 7.80 -26.51 9.70
CA THR B 443 7.73 -27.90 10.16
C THR B 443 6.31 -28.28 10.53
N HIS B 444 5.57 -27.30 11.05
CA HIS B 444 4.19 -27.51 11.47
C HIS B 444 3.27 -27.83 10.29
N LEU B 445 3.55 -27.21 9.14
CA LEU B 445 2.87 -27.55 7.90
C LEU B 445 3.40 -28.89 7.37
N PRO B 446 2.53 -29.66 6.70
CA PRO B 446 2.99 -30.90 6.08
C PRO B 446 3.93 -30.62 4.90
N GLU B 447 4.82 -31.58 4.62
CA GLU B 447 5.83 -31.42 3.57
C GLU B 447 5.24 -31.42 2.16
N ASN B 448 4.18 -32.20 1.95
CA ASN B 448 3.51 -32.29 0.65
C ASN B 448 2.79 -31.02 0.23
N GLN B 449 2.56 -30.14 1.20
CA GLN B 449 1.94 -28.83 0.94
C GLN B 449 2.97 -27.76 0.61
N LEU B 450 4.21 -27.97 1.02
CA LEU B 450 5.31 -27.03 0.76
C LEU B 450 5.70 -27.04 -0.72
N GLY B 451 5.12 -26.10 -1.47
CA GLY B 451 5.24 -26.07 -2.93
C GLY B 451 6.06 -24.94 -3.51
N ARG B 452 5.88 -23.73 -2.98
CA ARG B 452 6.63 -22.54 -3.41
C ARG B 452 8.14 -22.64 -3.13
N ILE B 453 8.57 -23.85 -2.76
CA ILE B 453 9.95 -24.12 -2.38
C ILE B 453 10.50 -25.29 -3.19
N ASP B 454 11.77 -25.21 -3.56
CA ASP B 454 12.44 -26.33 -4.24
C ASP B 454 12.66 -27.47 -3.23
N ASN B 455 12.55 -28.70 -3.73
CA ASN B 455 12.79 -29.88 -2.91
C ASN B 455 14.26 -29.99 -2.50
N LYS B 456 15.16 -29.52 -3.36
CA LYS B 456 16.58 -29.53 -3.06
C LYS B 456 16.89 -28.63 -1.86
N TYR B 457 15.98 -27.69 -1.58
CA TYR B 457 16.08 -26.84 -0.41
C TYR B 457 15.53 -27.51 0.83
N ILE B 458 14.50 -28.35 0.65
CA ILE B 458 13.86 -29.05 1.76
C ILE B 458 14.79 -30.09 2.41
N GLN B 459 15.34 -30.98 1.59
CA GLN B 459 16.25 -32.04 2.06
C GLN B 459 17.54 -31.47 2.68
N LYS B 460 17.81 -30.20 2.42
CA LYS B 460 19.03 -29.53 2.85
C LYS B 460 18.82 -28.76 4.14
N TYR B 461 17.59 -28.28 4.37
CA TYR B 461 17.32 -27.32 5.45
C TYR B 461 16.14 -27.62 6.40
N HIS B 462 15.27 -28.55 6.02
CA HIS B 462 14.16 -28.95 6.88
C HIS B 462 14.69 -29.80 8.03
N PRO B 463 14.43 -29.38 9.29
CA PRO B 463 14.93 -30.02 10.53
C PRO B 463 14.76 -31.55 10.60
N ALA B 464 13.73 -32.08 9.95
CA ALA B 464 13.50 -33.53 9.90
C ALA B 464 14.45 -34.25 8.93
N HIS B 465 14.95 -33.52 7.94
CA HIS B 465 15.92 -34.07 6.98
C HIS B 465 17.35 -33.66 7.32
N ARG B 466 17.56 -32.34 7.46
CA ARG B 466 18.88 -31.71 7.60
C ARG B 466 19.97 -32.59 8.21
N LYS B 467 20.73 -33.25 7.33
CA LYS B 467 21.77 -34.21 7.70
C LYS B 467 23.03 -33.50 8.21
PG ATP C . 16.93 9.33 -10.00
O1G ATP C . 17.90 9.09 -8.87
O2G ATP C . 15.90 10.39 -9.72
O3G ATP C . 17.60 9.48 -11.36
PB ATP C . 15.68 7.05 -8.89
O1B ATP C . 14.67 6.03 -9.38
O2B ATP C . 15.35 7.96 -7.73
O3B ATP C . 16.07 7.97 -10.15
PA ATP C . 17.31 5.35 -7.27
O1A ATP C . 16.29 5.66 -6.20
O2A ATP C . 18.78 5.41 -6.92
O3A ATP C . 17.06 6.28 -8.57
O5' ATP C . 17.01 3.86 -7.81
C5' ATP C . 17.53 3.43 -9.07
C4' ATP C . 16.41 2.79 -9.87
O4' ATP C . 16.46 3.25 -11.23
C3' ATP C . 16.54 1.28 -9.88
O3' ATP C . 15.31 0.70 -9.44
C2' ATP C . 16.85 0.89 -11.32
O2' ATP C . 16.03 -0.18 -11.78
C1' ATP C . 16.60 2.15 -12.14
N9 ATP C . 17.74 2.41 -13.07
C8 ATP C . 18.82 3.17 -12.81
N7 ATP C . 19.67 3.20 -13.86
C5 ATP C . 19.14 2.44 -14.83
C6 ATP C . 19.52 2.04 -16.21
N6 ATP C . 20.67 2.48 -16.77
N1 ATP C . 18.67 1.23 -16.90
C2 ATP C . 17.51 0.79 -16.35
N3 ATP C . 17.12 1.11 -15.11
C4 ATP C . 17.87 1.92 -14.31
C3 AES D . 10.87 37.89 7.89
C2 AES D . 12.07 38.62 7.84
C1 AES D . 13.04 38.46 8.83
S AES D . 14.40 39.30 8.78
F AES D . 15.20 39.00 7.50
O1S AES D . 15.22 38.99 9.93
O2S AES D . 14.08 40.70 8.79
C6 AES D . 12.81 37.55 9.87
C5 AES D . 11.63 36.82 9.91
C4 AES D . 10.65 36.98 8.92
C7 AES D . 9.36 36.19 8.96
C8 AES D . 8.82 36.01 10.39
N8 AES D . 7.38 36.07 10.38
#